data_7RD8
#
_entry.id   7RD8
#
_cell.length_a   1.00
_cell.length_b   1.00
_cell.length_c   1.00
_cell.angle_alpha   90.00
_cell.angle_beta   90.00
_cell.angle_gamma   90.00
#
_symmetry.space_group_name_H-M   'P 1'
#
loop_
_entity.id
_entity.type
_entity.pdbx_description
1 polymer 'Probable phospholipid-transporting ATPase NEO1'
2 non-polymer 'PHOSPHOMETHYLPHOSPHONIC ACID ADENYLATE ESTER'
3 non-polymer 'MAGNESIUM ION'
#
_entity_poly.entity_id   1
_entity_poly.type   'polypeptide(L)'
_entity_poly.pdbx_seq_one_letter_code
;MPNPPSFKSHKQNLFNSNNNQHANSVDSFDLHLDDSFDAALDSLQINNNPEPLSKHNTVGDRESFEMRTVDDLDNFSNHS
SDSHRKSSNTDTHPLMYDNRLSQDDNFKFTNIASSPPSSSNNIFSKALSYLKVSNTKNWSKFGSPIELSDQHIEREIHPD
TTPVYDRNRYVSNELSNAKYNAVTFVPTLLYEQFKFFYNLYFLVVALSQAVPALRIGYLSSYIVPLAFVLTVTMAKEAID
DIQRRRRDRESNNELYHVITRNRSIPSKDLKVGDLIKVHKGDRIPADLVLLQSSEPSGESFIKTDQLDGETDWKLRVACP
LTQNLSENDLINRISITASAPEKSIHKFLGKVTYKDSTSNPLSVDNTLWANTVLASSGFCIACVVYTGRDTRQAMNTTTA
KVKTGLLELEINSISKILCACVFALSILLVAFAGFHNDDWYIDILRYLILFSTIIPVSLRVNLDLAKSVYAHQIEHDKTI
PETIVRTSTIPEDLGRIEYLLSDKTGTLTQNDMQLKKIHLGTVSYTSETLDIVSDYVQSLVSSKNDSLNNSKVALSTTRK
DMSFRVRDMILTLAICHNVTPTFEDDELTYQAASPDEIAIVKFTESVGLSLFKRDRHSISLLHEHSGKTLNYEILQVFPF
NSDSKRMGIIVRDEQLDEYWFMQKGADTVMSKIVESNDWLEEETGNMAREGLRTLVIGRKKLNKKIYEQFQKEYNDASLS
MLNRDQQMSQVITKYLEHDLELLGLTGVEDKLQKDVKSSIELLRNAGIKIWMLTGDKVETARCVSISAKLISRGQYVHTI
TKVTRPEGAFNQLEYLKINRNACLLIDGESLGMFLKHYEQEFFDVVVHLPTVIACRCTPQQKADVALVIRKMTGKRVCCI
GDGGNDVSMIQCADVGVGIVGKEGKQASLAADFSITQFCHLTELLLWHGRNSYKRSAKLAQFVMHRGLIIAICQAVYSIC
SLFEPIALYQGWLMVGYATCYTMAPVFSLTLDHDIEESLTKIYPELYKELTEGKSLSYKTFFVWVLLSLFQGSVIQLFSQ
AFTSLLDTDFTRMVAISFTALVVNELIMVALEIYTWNKTMLVTEIATLLFYIVSVPFLGDYFDLGYMTTVNYYAGLLVIL
LISIFPVWTAKAIYRRLHPPSYAKVQEFATP
;
_entity_poly.pdbx_strand_id   A
#
loop_
_chem_comp.id
_chem_comp.type
_chem_comp.name
_chem_comp.formula
ACP non-polymer 'PHOSPHOMETHYLPHOSPHONIC ACID ADENYLATE ESTER' 'C11 H18 N5 O12 P3'
MG non-polymer 'MAGNESIUM ION' 'Mg 2'
#
# COMPACT_ATOMS: atom_id res chain seq x y z
N GLU A 154 -8.05 0.64 -34.78
CA GLU A 154 -8.35 -0.44 -35.71
C GLU A 154 -7.31 -0.50 -36.82
N ARG A 155 -6.72 -1.67 -37.00
CA ARG A 155 -5.73 -1.90 -38.05
C ARG A 155 -5.95 -3.27 -38.67
N GLU A 156 -5.46 -3.44 -39.90
CA GLU A 156 -5.47 -4.71 -40.59
C GLU A 156 -4.03 -5.19 -40.73
N ILE A 157 -3.75 -6.39 -40.22
CA ILE A 157 -2.40 -6.94 -40.15
C ILE A 157 -2.28 -8.06 -41.19
N HIS A 158 -1.28 -7.95 -42.05
CA HIS A 158 -0.93 -8.98 -43.02
C HIS A 158 0.55 -9.32 -42.87
N PRO A 159 0.91 -10.59 -42.72
CA PRO A 159 2.33 -10.92 -42.54
C PRO A 159 3.16 -10.79 -43.80
N ASP A 160 2.55 -10.95 -44.99
CA ASP A 160 3.30 -10.89 -46.23
C ASP A 160 3.69 -9.47 -46.63
N THR A 161 3.03 -8.44 -46.08
CA THR A 161 3.40 -7.07 -46.38
C THR A 161 4.46 -6.58 -45.40
N THR A 162 5.63 -7.21 -45.42
CA THR A 162 6.67 -6.89 -44.44
C THR A 162 7.17 -5.44 -44.48
N PRO A 163 7.53 -4.84 -45.64
CA PRO A 163 8.14 -3.50 -45.57
C PRO A 163 7.23 -2.41 -45.01
N VAL A 164 5.92 -2.51 -45.23
CA VAL A 164 5.02 -1.40 -44.87
C VAL A 164 4.94 -1.23 -43.36
N TYR A 165 5.27 -2.25 -42.58
CA TYR A 165 5.44 -2.09 -41.14
C TYR A 165 6.89 -2.12 -40.70
N ASP A 166 7.79 -2.74 -41.48
CA ASP A 166 9.18 -2.84 -41.07
C ASP A 166 9.89 -1.50 -41.21
N ARG A 167 9.49 -0.68 -42.18
CA ARG A 167 10.16 0.60 -42.40
C ARG A 167 9.75 1.63 -41.36
N ASN A 168 8.45 1.91 -41.26
CA ASN A 168 7.97 3.01 -40.43
C ASN A 168 6.51 2.73 -40.08
N ARG A 169 5.80 3.78 -39.61
CA ARG A 169 4.36 3.82 -39.37
C ARG A 169 3.99 3.06 -38.09
N TYR A 170 4.96 2.40 -37.46
CA TYR A 170 4.71 1.67 -36.24
C TYR A 170 5.83 1.91 -35.24
N VAL A 171 5.46 1.91 -33.95
CA VAL A 171 6.42 2.23 -32.90
C VAL A 171 7.40 1.09 -32.74
N SER A 172 8.68 1.42 -32.67
CA SER A 172 9.69 0.41 -32.40
C SER A 172 9.58 -0.10 -30.97
N ASN A 173 10.13 -1.30 -30.75
CA ASN A 173 10.08 -1.92 -29.43
C ASN A 173 11.05 -1.29 -28.44
N GLU A 174 11.86 -0.33 -28.87
CA GLU A 174 12.73 0.39 -27.94
C GLU A 174 11.89 1.23 -26.98
N LEU A 175 12.21 1.13 -25.70
CA LEU A 175 11.61 1.95 -24.66
C LEU A 175 12.65 2.89 -24.09
N SER A 176 12.34 4.19 -24.07
CA SER A 176 13.23 5.21 -23.53
C SER A 176 12.52 5.91 -22.38
N ASN A 177 13.28 6.20 -21.33
CA ASN A 177 12.71 6.82 -20.14
C ASN A 177 13.19 8.24 -19.91
N ALA A 178 14.51 8.47 -19.91
CA ALA A 178 15.04 9.81 -19.66
C ALA A 178 16.39 9.96 -20.34
N LYS A 179 16.39 10.56 -21.53
CA LYS A 179 17.59 10.94 -22.25
C LYS A 179 17.28 12.22 -23.02
N TYR A 180 18.15 13.22 -22.87
CA TYR A 180 18.01 14.59 -23.39
C TYR A 180 16.82 15.33 -22.77
N ASN A 181 16.08 14.71 -21.86
CA ASN A 181 15.05 15.37 -21.07
C ASN A 181 15.21 15.13 -19.58
N ALA A 182 16.13 14.26 -19.17
CA ALA A 182 16.32 13.96 -17.76
C ALA A 182 16.73 15.20 -16.97
N VAL A 183 17.52 16.07 -17.58
CA VAL A 183 17.85 17.35 -16.95
C VAL A 183 16.58 18.17 -16.73
N THR A 184 15.72 18.23 -17.75
CA THR A 184 14.42 18.89 -17.59
C THR A 184 13.57 18.17 -16.54
N PHE A 185 13.88 16.91 -16.26
CA PHE A 185 13.17 16.17 -15.24
C PHE A 185 13.57 16.61 -13.83
N VAL A 186 14.83 17.04 -13.63
CA VAL A 186 15.31 17.26 -12.26
C VAL A 186 14.66 18.43 -11.54
N PRO A 187 14.33 19.61 -12.18
CA PRO A 187 13.73 20.67 -11.37
C PRO A 187 12.28 20.39 -11.04
N THR A 188 11.51 19.90 -12.03
CA THR A 188 10.07 19.76 -11.86
C THR A 188 9.75 18.75 -10.76
N LEU A 189 10.48 17.63 -10.70
CA LEU A 189 10.39 16.73 -9.56
C LEU A 189 10.79 17.45 -8.28
N LEU A 190 11.92 18.15 -8.33
CA LEU A 190 12.34 18.99 -7.22
C LEU A 190 11.29 20.03 -6.91
N TYR A 191 10.47 20.37 -7.92
CA TYR A 191 9.41 21.35 -7.74
C TYR A 191 8.46 20.95 -6.62
N GLU A 192 8.09 19.66 -6.54
CA GLU A 192 7.29 19.24 -5.40
C GLU A 192 8.06 19.41 -4.09
N GLN A 193 9.33 19.02 -4.07
CA GLN A 193 10.17 19.36 -2.93
C GLN A 193 10.37 20.88 -2.83
N PHE A 194 10.34 21.58 -3.96
CA PHE A 194 10.40 23.03 -3.93
C PHE A 194 9.06 23.62 -3.49
N LYS A 195 8.01 22.82 -3.43
CA LYS A 195 6.74 23.32 -2.90
C LYS A 195 6.80 23.45 -1.38
N PHE A 196 7.55 22.58 -0.71
CA PHE A 196 7.65 22.62 0.74
C PHE A 196 8.58 23.75 1.16
N PHE A 197 8.14 24.54 2.15
CA PHE A 197 8.83 25.78 2.45
C PHE A 197 10.14 25.56 3.22
N TYR A 198 10.32 24.41 3.86
CA TYR A 198 11.59 24.17 4.55
C TYR A 198 12.71 23.87 3.55
N ASN A 199 12.39 23.12 2.50
CA ASN A 199 13.36 22.90 1.42
C ASN A 199 13.71 24.22 0.76
N LEU A 200 12.70 25.06 0.50
CA LEU A 200 12.90 26.44 0.07
C LEU A 200 13.84 27.17 1.01
N TYR A 201 13.64 26.97 2.31
CA TYR A 201 14.37 27.72 3.32
C TYR A 201 15.86 27.41 3.24
N PHE A 202 16.24 26.14 3.43
CA PHE A 202 17.69 25.91 3.40
C PHE A 202 18.25 25.94 1.98
N LEU A 203 17.42 25.82 0.94
CA LEU A 203 17.93 26.03 -0.41
C LEU A 203 18.30 27.48 -0.65
N VAL A 204 17.51 28.42 -0.10
CA VAL A 204 17.88 29.82 -0.18
C VAL A 204 19.07 30.11 0.73
N VAL A 205 19.18 29.41 1.86
CA VAL A 205 20.39 29.52 2.68
C VAL A 205 21.62 29.14 1.87
N ALA A 206 21.53 28.06 1.10
CA ALA A 206 22.64 27.68 0.22
C ALA A 206 22.86 28.73 -0.87
N LEU A 207 21.77 29.20 -1.48
CA LEU A 207 21.86 30.14 -2.60
C LEU A 207 22.41 31.50 -2.19
N SER A 208 22.32 31.83 -0.90
CA SER A 208 22.74 33.15 -0.42
C SER A 208 24.22 33.40 -0.65
N GLN A 209 25.06 32.38 -0.42
CA GLN A 209 26.50 32.58 -0.49
C GLN A 209 27.01 32.61 -1.93
N ALA A 210 26.10 32.52 -2.90
CA ALA A 210 26.50 32.67 -4.30
C ALA A 210 27.02 34.08 -4.58
N VAL A 211 26.51 35.08 -3.88
CA VAL A 211 27.05 36.43 -3.98
C VAL A 211 28.47 36.45 -3.42
N PRO A 212 29.45 37.01 -4.13
CA PRO A 212 30.83 36.98 -3.62
C PRO A 212 31.09 38.02 -2.53
N ALA A 213 30.16 38.13 -1.59
CA ALA A 213 30.36 38.94 -0.40
C ALA A 213 29.84 38.27 0.87
N LEU A 214 29.07 37.20 0.76
CA LEU A 214 28.42 36.56 1.90
C LEU A 214 29.13 35.29 2.35
N ARG A 215 30.36 35.05 1.90
CA ARG A 215 31.14 33.93 2.39
C ARG A 215 31.58 34.21 3.83
N ILE A 216 30.97 33.52 4.79
CA ILE A 216 31.20 33.82 6.19
C ILE A 216 31.93 32.65 6.84
N GLY A 217 31.68 31.44 6.36
CA GLY A 217 32.32 30.26 6.92
C GLY A 217 33.09 29.46 5.90
N TYR A 218 33.51 28.26 6.27
CA TYR A 218 34.23 27.39 5.35
C TYR A 218 33.28 26.89 4.26
N LEU A 219 33.85 26.63 3.07
CA LEU A 219 33.09 25.94 2.05
C LEU A 219 32.80 24.49 2.44
N SER A 220 33.60 23.92 3.34
CA SER A 220 33.32 22.60 3.88
C SER A 220 32.08 22.58 4.78
N SER A 221 31.68 23.74 5.31
CA SER A 221 30.41 23.87 6.00
C SER A 221 29.25 24.08 5.03
N TYR A 222 29.53 24.24 3.75
CA TYR A 222 28.56 24.66 2.75
C TYR A 222 28.16 23.52 1.82
N ILE A 223 29.15 22.79 1.29
CA ILE A 223 28.85 21.76 0.30
C ILE A 223 28.23 20.53 0.93
N VAL A 224 28.76 20.08 2.07
CA VAL A 224 28.40 18.80 2.65
C VAL A 224 26.91 18.65 3.00
N PRO A 225 26.19 19.65 3.54
CA PRO A 225 24.78 19.37 3.85
C PRO A 225 23.91 19.18 2.62
N LEU A 226 24.03 20.09 1.64
CA LEU A 226 23.23 19.98 0.43
C LEU A 226 23.61 18.74 -0.37
N ALA A 227 24.91 18.46 -0.48
CA ALA A 227 25.35 17.27 -1.20
C ALA A 227 24.86 16.01 -0.51
N PHE A 228 24.88 15.98 0.82
CA PHE A 228 24.48 14.77 1.53
C PHE A 228 22.97 14.56 1.47
N VAL A 229 22.18 15.65 1.55
CA VAL A 229 20.73 15.48 1.43
C VAL A 229 20.36 15.06 0.01
N LEU A 230 21.05 15.59 -1.01
CA LEU A 230 20.80 15.12 -2.37
C LEU A 230 21.17 13.65 -2.52
N THR A 231 22.30 13.24 -1.93
CA THR A 231 22.72 11.85 -1.99
C THR A 231 21.66 10.95 -1.36
N VAL A 232 21.14 11.33 -0.20
CA VAL A 232 20.12 10.52 0.47
C VAL A 232 18.84 10.47 -0.36
N THR A 233 18.40 11.62 -0.89
CA THR A 233 17.09 11.66 -1.53
C THR A 233 17.11 10.99 -2.91
N MET A 234 18.27 10.95 -3.56
CA MET A 234 18.34 10.12 -4.77
C MET A 234 18.83 8.70 -4.50
N ALA A 235 19.26 8.37 -3.28
CA ALA A 235 19.74 7.01 -3.01
C ALA A 235 18.65 5.97 -3.26
N LYS A 236 17.41 6.29 -2.90
CA LYS A 236 16.32 5.33 -3.08
C LYS A 236 15.87 5.27 -4.54
N GLU A 237 15.91 6.38 -5.26
CA GLU A 237 15.23 6.43 -6.54
C GLU A 237 16.16 6.28 -7.75
N ALA A 238 17.39 6.82 -7.69
CA ALA A 238 18.28 6.77 -8.83
C ALA A 238 18.78 5.35 -9.08
N ILE A 239 18.99 4.57 -8.02
CA ILE A 239 19.37 3.17 -8.18
C ILE A 239 18.26 2.40 -8.91
N ASP A 240 17.02 2.63 -8.50
CA ASP A 240 15.89 1.98 -9.18
C ASP A 240 15.77 2.45 -10.62
N ASP A 241 16.00 3.73 -10.88
CA ASP A 241 15.90 4.26 -12.23
C ASP A 241 16.96 3.66 -13.14
N ILE A 242 18.20 3.59 -12.67
CA ILE A 242 19.27 3.03 -13.50
C ILE A 242 19.10 1.53 -13.67
N GLN A 243 18.55 0.84 -12.65
CA GLN A 243 18.25 -0.58 -12.83
C GLN A 243 17.14 -0.78 -13.84
N ARG A 244 16.14 0.11 -13.83
CA ARG A 244 15.07 0.06 -14.82
C ARG A 244 15.62 0.24 -16.23
N ARG A 245 16.51 1.23 -16.40
CA ARG A 245 17.17 1.42 -17.69
C ARG A 245 17.98 0.18 -18.06
N ARG A 246 18.62 -0.45 -17.07
CA ARG A 246 19.46 -1.61 -17.35
C ARG A 246 18.65 -2.78 -17.89
N ARG A 247 17.57 -3.17 -17.20
CA ARG A 247 16.86 -4.33 -17.72
C ARG A 247 15.93 -3.94 -18.85
N ASP A 248 15.76 -2.63 -19.09
CA ASP A 248 15.14 -2.19 -20.33
C ASP A 248 16.05 -2.44 -21.52
N ARG A 249 17.32 -2.03 -21.40
CA ARG A 249 18.27 -2.21 -22.50
C ARG A 249 18.57 -3.69 -22.75
N GLU A 250 18.76 -4.47 -21.68
CA GLU A 250 19.10 -5.87 -21.90
C GLU A 250 17.90 -6.71 -22.29
N SER A 251 16.68 -6.14 -22.24
CA SER A 251 15.53 -6.85 -22.77
C SER A 251 15.29 -6.50 -24.24
N ASN A 252 15.60 -5.27 -24.63
CA ASN A 252 15.41 -4.86 -26.02
C ASN A 252 16.42 -5.47 -26.98
N ASN A 253 17.47 -6.12 -26.49
CA ASN A 253 18.43 -6.81 -27.35
C ASN A 253 18.31 -8.32 -27.23
N GLU A 254 17.21 -8.82 -26.67
CA GLU A 254 17.01 -10.25 -26.53
C GLU A 254 16.73 -10.86 -27.90
N LEU A 255 17.54 -11.85 -28.28
CA LEU A 255 17.43 -12.42 -29.62
C LEU A 255 16.20 -13.32 -29.73
N TYR A 256 15.54 -13.25 -30.88
CA TYR A 256 14.31 -14.00 -31.12
C TYR A 256 14.32 -14.52 -32.55
N HIS A 257 13.91 -15.78 -32.73
CA HIS A 257 13.90 -16.39 -34.04
C HIS A 257 12.70 -15.90 -34.85
N VAL A 258 12.92 -15.68 -36.15
CA VAL A 258 11.86 -15.26 -37.06
C VAL A 258 11.57 -16.40 -38.02
N ILE A 259 10.28 -16.71 -38.18
CA ILE A 259 9.88 -17.77 -39.11
C ILE A 259 10.26 -17.39 -40.54
N THR A 260 9.98 -16.15 -40.94
CA THR A 260 10.25 -15.73 -42.31
C THR A 260 11.74 -15.52 -42.57
N ARG A 261 12.44 -14.90 -41.63
CA ARG A 261 13.85 -14.58 -41.83
C ARG A 261 14.78 -15.73 -41.46
N ASN A 262 14.27 -16.75 -40.75
CA ASN A 262 15.02 -17.96 -40.41
C ASN A 262 16.29 -17.68 -39.64
N ARG A 263 16.31 -16.63 -38.82
CA ARG A 263 17.48 -16.31 -38.01
C ARG A 263 17.03 -15.51 -36.80
N SER A 264 17.91 -15.44 -35.81
CA SER A 264 17.59 -14.74 -34.57
C SER A 264 17.80 -13.25 -34.71
N ILE A 265 16.79 -12.46 -34.32
CA ILE A 265 16.87 -11.01 -34.34
C ILE A 265 16.49 -10.50 -32.95
N PRO A 266 16.98 -9.31 -32.59
CA PRO A 266 16.70 -8.69 -31.29
C PRO A 266 15.28 -8.12 -31.21
N SER A 267 14.96 -7.47 -30.09
CA SER A 267 13.63 -6.88 -29.93
C SER A 267 13.46 -5.62 -30.76
N LYS A 268 14.54 -4.89 -30.99
CA LYS A 268 14.46 -3.69 -31.83
C LYS A 268 14.03 -4.03 -33.25
N ASP A 269 14.58 -5.11 -33.80
CA ASP A 269 14.29 -5.49 -35.18
C ASP A 269 12.89 -6.11 -35.29
N LEU A 270 12.31 -6.55 -34.18
CA LEU A 270 10.96 -7.11 -34.20
C LEU A 270 9.95 -6.07 -34.66
N LYS A 271 9.02 -6.51 -35.50
CA LYS A 271 7.97 -5.64 -36.02
C LYS A 271 6.61 -6.28 -35.81
N VAL A 272 5.56 -5.69 -36.37
CA VAL A 272 4.18 -6.13 -36.14
C VAL A 272 3.70 -6.95 -37.34
N GLY A 273 3.04 -8.07 -37.06
CA GLY A 273 2.46 -8.88 -38.10
C GLY A 273 3.26 -10.10 -38.50
N ASP A 274 4.53 -10.18 -38.15
CA ASP A 274 5.35 -11.32 -38.53
C ASP A 274 5.16 -12.42 -37.49
N LEU A 275 5.40 -13.66 -37.90
CA LEU A 275 5.14 -14.84 -37.09
C LEU A 275 6.42 -15.26 -36.37
N ILE A 276 6.33 -15.41 -35.04
CA ILE A 276 7.48 -15.74 -34.22
C ILE A 276 7.16 -17.00 -33.41
N LYS A 277 8.10 -17.95 -33.40
CA LYS A 277 7.98 -19.10 -32.50
C LYS A 277 8.67 -18.73 -31.18
N VAL A 278 7.86 -18.53 -30.16
CA VAL A 278 8.38 -18.21 -28.83
C VAL A 278 8.35 -19.47 -27.98
N HIS A 279 9.44 -19.70 -27.25
CA HIS A 279 9.68 -20.99 -26.60
C HIS A 279 9.21 -20.98 -25.16
N LYS A 280 9.33 -22.14 -24.50
CA LYS A 280 8.86 -22.30 -23.12
C LYS A 280 9.78 -21.57 -22.15
N GLY A 281 11.09 -21.61 -22.39
CA GLY A 281 12.05 -21.06 -21.45
C GLY A 281 12.32 -19.57 -21.60
N ASP A 282 11.52 -18.88 -22.41
CA ASP A 282 11.71 -17.46 -22.65
C ASP A 282 10.39 -16.72 -22.52
N ARG A 283 10.49 -15.47 -22.06
CA ARG A 283 9.32 -14.63 -21.90
C ARG A 283 8.80 -14.13 -23.25
N ILE A 284 7.52 -13.79 -23.27
CA ILE A 284 6.92 -13.15 -24.44
C ILE A 284 7.53 -11.76 -24.60
N PRO A 285 8.03 -11.39 -25.78
CA PRO A 285 8.68 -10.07 -25.91
C PRO A 285 7.73 -8.89 -25.88
N ALA A 286 6.62 -8.99 -26.61
CA ALA A 286 5.73 -7.85 -26.82
C ALA A 286 4.29 -8.35 -26.74
N ASP A 287 3.36 -7.55 -27.24
CA ASP A 287 1.96 -7.95 -27.29
C ASP A 287 1.70 -8.71 -28.58
N LEU A 288 1.21 -9.94 -28.44
CA LEU A 288 0.97 -10.81 -29.59
C LEU A 288 -0.39 -11.47 -29.45
N VAL A 289 -0.73 -12.27 -30.47
CA VAL A 289 -1.93 -13.09 -30.48
C VAL A 289 -1.53 -14.48 -30.93
N LEU A 290 -1.99 -15.49 -30.20
CA LEU A 290 -1.68 -16.87 -30.53
C LEU A 290 -2.49 -17.35 -31.71
N LEU A 291 -1.80 -17.98 -32.67
CA LEU A 291 -2.45 -18.59 -33.82
C LEU A 291 -2.15 -20.07 -33.96
N GLN A 292 -1.05 -20.55 -33.41
CA GLN A 292 -0.68 -21.96 -33.46
C GLN A 292 0.25 -22.24 -32.30
N SER A 293 0.07 -23.39 -31.66
CA SER A 293 0.87 -23.78 -30.50
C SER A 293 1.34 -25.22 -30.66
N SER A 294 2.23 -25.64 -29.77
CA SER A 294 2.75 -27.00 -29.81
C SER A 294 1.69 -28.04 -29.50
N GLU A 295 0.69 -27.69 -28.68
CA GLU A 295 -0.38 -28.61 -28.35
C GLU A 295 -1.36 -28.71 -29.52
N PRO A 296 -1.78 -29.91 -29.91
CA PRO A 296 -2.78 -30.02 -30.98
C PRO A 296 -4.12 -29.39 -30.63
N SER A 297 -4.46 -29.32 -29.33
CA SER A 297 -5.69 -28.65 -28.93
C SER A 297 -5.57 -27.14 -29.04
N GLY A 298 -4.34 -26.62 -29.07
CA GLY A 298 -4.13 -25.18 -29.13
C GLY A 298 -4.20 -24.46 -27.80
N GLU A 299 -4.37 -25.19 -26.70
CA GLU A 299 -4.48 -24.59 -25.38
C GLU A 299 -3.13 -24.63 -24.68
N SER A 300 -2.80 -23.54 -23.98
CA SER A 300 -1.55 -23.43 -23.26
C SER A 300 -1.76 -22.63 -21.99
N PHE A 301 -0.83 -22.78 -21.06
CA PHE A 301 -0.82 -22.03 -19.80
C PHE A 301 0.19 -20.90 -19.92
N ILE A 302 -0.23 -19.69 -19.55
CA ILE A 302 0.63 -18.53 -19.61
C ILE A 302 0.80 -17.96 -18.21
N LYS A 303 1.86 -17.18 -18.03
CA LYS A 303 2.22 -16.59 -16.75
C LYS A 303 2.49 -15.10 -16.94
N THR A 304 1.82 -14.28 -16.13
CA THR A 304 1.94 -12.82 -16.19
C THR A 304 2.18 -12.25 -14.79
N ASP A 305 3.14 -12.83 -14.07
CA ASP A 305 3.42 -12.38 -12.70
C ASP A 305 3.93 -10.95 -12.65
N GLN A 306 4.54 -10.45 -13.74
CA GLN A 306 5.03 -9.09 -13.79
C GLN A 306 4.12 -8.15 -14.58
N LEU A 307 3.37 -8.65 -15.55
CA LEU A 307 2.40 -7.85 -16.29
C LEU A 307 1.33 -7.29 -15.36
N ASP A 308 0.56 -8.19 -14.76
CA ASP A 308 -0.42 -7.82 -13.74
C ASP A 308 -0.14 -8.59 -12.46
N GLY A 309 -1.05 -8.49 -11.50
CA GLY A 309 -0.88 -9.15 -10.22
C GLY A 309 -1.23 -10.62 -10.20
N GLU A 310 -1.64 -11.19 -11.33
CA GLU A 310 -2.05 -12.58 -11.36
C GLU A 310 -0.84 -13.49 -11.29
N THR A 311 -0.89 -14.48 -10.40
CA THR A 311 0.24 -15.40 -10.19
C THR A 311 -0.06 -16.83 -10.66
N ASP A 312 -1.33 -17.21 -10.74
CA ASP A 312 -1.67 -18.55 -11.23
C ASP A 312 -1.42 -18.62 -12.73
N TRP A 313 -1.72 -19.75 -13.34
CA TRP A 313 -1.33 -19.99 -14.73
C TRP A 313 -2.59 -19.98 -15.59
N LYS A 314 -2.64 -19.09 -16.57
CA LYS A 314 -3.88 -18.75 -17.26
C LYS A 314 -4.06 -19.58 -18.52
N LEU A 315 -5.29 -20.02 -18.75
CA LEU A 315 -5.64 -20.68 -20.01
C LEU A 315 -5.57 -19.70 -21.18
N ARG A 316 -5.01 -20.15 -22.30
CA ARG A 316 -5.01 -19.40 -23.55
C ARG A 316 -5.13 -20.39 -24.70
N VAL A 317 -6.22 -20.28 -25.47
CA VAL A 317 -6.44 -21.16 -26.62
C VAL A 317 -6.10 -20.41 -27.90
N ALA A 318 -5.81 -21.16 -28.96
CA ALA A 318 -5.59 -20.58 -30.27
C ALA A 318 -6.84 -20.74 -31.14
N CYS A 319 -6.78 -20.14 -32.32
CA CYS A 319 -7.87 -20.28 -33.27
C CYS A 319 -7.90 -21.69 -33.84
N PRO A 320 -9.03 -22.40 -33.76
CA PRO A 320 -9.07 -23.76 -34.32
C PRO A 320 -8.82 -23.81 -35.82
N LEU A 321 -9.25 -22.78 -36.56
CA LEU A 321 -9.02 -22.74 -38.00
C LEU A 321 -7.53 -22.61 -38.32
N THR A 322 -6.82 -21.79 -37.55
CA THR A 322 -5.41 -21.52 -37.82
C THR A 322 -4.45 -22.46 -37.10
N GLN A 323 -4.93 -23.21 -36.11
CA GLN A 323 -4.04 -24.11 -35.37
C GLN A 323 -3.58 -25.27 -36.24
N ASN A 324 -4.42 -25.69 -37.20
CA ASN A 324 -4.04 -26.79 -38.08
C ASN A 324 -2.89 -26.38 -39.01
N LEU A 325 -2.79 -25.10 -39.33
CA LEU A 325 -1.74 -24.60 -40.20
C LEU A 325 -0.38 -24.65 -39.50
N ILE A 331 2.73 -23.74 -43.72
CA ILE A 331 1.77 -22.85 -43.07
C ILE A 331 1.42 -21.70 -44.00
N ASN A 332 0.15 -21.65 -44.41
CA ASN A 332 -0.33 -20.59 -45.28
C ASN A 332 -0.44 -19.28 -44.51
N ARG A 333 -0.47 -18.18 -45.26
CA ARG A 333 -0.51 -16.85 -44.65
C ARG A 333 -1.91 -16.51 -44.18
N ILE A 334 -1.98 -15.87 -43.01
CA ILE A 334 -3.24 -15.59 -42.32
C ILE A 334 -3.21 -14.14 -41.85
N SER A 335 -4.35 -13.45 -41.98
CA SER A 335 -4.45 -12.03 -41.68
C SER A 335 -5.28 -11.79 -40.43
N ILE A 336 -5.03 -10.66 -39.76
CA ILE A 336 -5.71 -10.31 -38.53
C ILE A 336 -6.30 -8.91 -38.68
N THR A 337 -7.29 -8.62 -37.85
CA THR A 337 -7.86 -7.29 -37.72
C THR A 337 -7.98 -6.96 -36.25
N ALA A 338 -7.43 -5.82 -35.84
CA ALA A 338 -7.35 -5.44 -34.44
C ALA A 338 -7.99 -4.06 -34.26
N SER A 339 -8.18 -3.67 -33.01
CA SER A 339 -8.85 -2.43 -32.65
C SER A 339 -7.82 -1.40 -32.18
N ALA A 340 -8.34 -0.24 -31.76
CA ALA A 340 -7.49 0.85 -31.28
C ALA A 340 -6.85 0.48 -29.95
N PRO A 341 -5.72 1.13 -29.62
CA PRO A 341 -5.14 0.93 -28.28
C PRO A 341 -6.10 1.35 -27.18
N GLU A 342 -6.07 0.61 -26.08
CA GLU A 342 -7.01 0.78 -24.98
C GLU A 342 -6.22 0.77 -23.68
N LYS A 343 -6.93 0.66 -22.56
CA LYS A 343 -6.31 0.60 -21.25
C LYS A 343 -6.77 -0.60 -20.41
N SER A 344 -7.82 -1.30 -20.83
CA SER A 344 -8.36 -2.40 -20.04
C SER A 344 -7.36 -3.55 -19.97
N ILE A 345 -7.15 -4.07 -18.76
CA ILE A 345 -6.18 -5.14 -18.54
C ILE A 345 -6.83 -6.51 -18.57
N HIS A 346 -8.14 -6.58 -18.75
CA HIS A 346 -8.85 -7.85 -18.80
C HIS A 346 -9.88 -7.84 -19.94
N LYS A 347 -9.47 -7.32 -21.10
CA LYS A 347 -10.35 -7.27 -22.26
C LYS A 347 -9.53 -7.24 -23.53
N PHE A 348 -10.03 -7.92 -24.56
CA PHE A 348 -9.43 -7.88 -25.88
C PHE A 348 -10.48 -8.27 -26.91
N LEU A 349 -10.36 -7.72 -28.11
CA LEU A 349 -11.25 -8.04 -29.22
C LEU A 349 -10.48 -7.98 -30.52
N GLY A 350 -10.79 -8.90 -31.43
CA GLY A 350 -10.14 -8.93 -32.72
C GLY A 350 -10.86 -9.86 -33.66
N LYS A 351 -10.27 -10.02 -34.86
CA LYS A 351 -10.85 -10.88 -35.88
C LYS A 351 -9.72 -11.51 -36.70
N VAL A 352 -9.97 -12.70 -37.23
CA VAL A 352 -9.01 -13.40 -38.07
C VAL A 352 -9.63 -13.61 -39.44
N THR A 353 -8.92 -13.17 -40.49
CA THR A 353 -9.34 -13.38 -41.87
C THR A 353 -8.35 -14.32 -42.55
N TYR A 354 -8.89 -15.33 -43.23
CA TYR A 354 -8.11 -16.31 -43.97
C TYR A 354 -8.46 -16.15 -45.45
N LYS A 355 -7.98 -17.07 -46.27
CA LYS A 355 -8.24 -17.03 -47.71
C LYS A 355 -9.73 -17.13 -47.98
N ASP A 356 -10.18 -16.39 -49.01
CA ASP A 356 -11.58 -16.19 -49.35
C ASP A 356 -12.35 -15.49 -48.24
N SER A 357 -11.64 -14.78 -47.35
CA SER A 357 -12.23 -13.91 -46.32
C SER A 357 -13.18 -14.69 -45.39
N THR A 358 -12.59 -15.65 -44.67
CA THR A 358 -13.33 -16.42 -43.67
C THR A 358 -13.04 -15.81 -42.30
N SER A 359 -14.03 -15.12 -41.73
CA SER A 359 -13.84 -14.44 -40.46
C SER A 359 -13.78 -15.43 -39.30
N ASN A 360 -12.90 -15.15 -38.35
CA ASN A 360 -12.77 -15.93 -37.13
C ASN A 360 -12.68 -14.96 -35.95
N PRO A 361 -13.36 -15.26 -34.84
CA PRO A 361 -13.39 -14.33 -33.71
C PRO A 361 -12.12 -14.39 -32.87
N LEU A 362 -11.93 -13.35 -32.07
CA LEU A 362 -10.82 -13.24 -31.13
C LEU A 362 -11.31 -12.60 -29.84
N SER A 363 -10.60 -12.87 -28.75
CA SER A 363 -10.93 -12.29 -27.45
C SER A 363 -9.67 -12.31 -26.60
N VAL A 364 -9.86 -12.07 -25.29
CA VAL A 364 -8.73 -12.11 -24.36
C VAL A 364 -8.24 -13.54 -24.19
N ASP A 365 -9.03 -14.54 -24.57
CA ASP A 365 -8.62 -15.93 -24.42
C ASP A 365 -7.56 -16.35 -25.43
N ASN A 366 -7.27 -15.52 -26.42
CA ASN A 366 -6.36 -15.88 -27.49
C ASN A 366 -5.38 -14.74 -27.78
N THR A 367 -4.75 -14.21 -26.74
CA THR A 367 -3.76 -13.15 -26.92
C THR A 367 -2.71 -13.23 -25.81
N LEU A 368 -1.51 -12.75 -26.13
CA LEU A 368 -0.40 -12.70 -25.19
C LEU A 368 0.24 -11.31 -25.23
N TRP A 369 0.48 -10.76 -24.05
CA TRP A 369 0.90 -9.37 -23.91
C TRP A 369 2.39 -9.30 -23.55
N ALA A 370 2.84 -8.08 -23.23
CA ALA A 370 4.26 -7.75 -23.24
C ALA A 370 5.04 -8.54 -22.20
N ASN A 371 4.49 -8.70 -21.00
CA ASN A 371 5.19 -9.36 -19.92
C ASN A 371 4.68 -10.77 -19.64
N THR A 372 4.12 -11.43 -20.65
CA THR A 372 3.62 -12.79 -20.50
C THR A 372 4.79 -13.79 -20.52
N VAL A 373 4.60 -14.91 -19.81
CA VAL A 373 5.58 -15.99 -19.79
C VAL A 373 4.89 -17.28 -20.24
N LEU A 374 5.46 -17.94 -21.25
CA LEU A 374 4.88 -19.14 -21.84
C LEU A 374 5.37 -20.41 -21.13
N ALA A 375 4.46 -21.37 -21.00
CA ALA A 375 4.80 -22.77 -20.74
C ALA A 375 3.63 -23.64 -21.20
N SER A 376 3.60 -24.88 -20.71
CA SER A 376 2.64 -25.90 -21.12
C SER A 376 2.76 -26.22 -22.60
N SER A 377 3.96 -26.05 -23.14
CA SER A 377 4.31 -26.39 -24.51
C SER A 377 5.82 -26.38 -24.61
N GLY A 378 6.32 -26.50 -25.84
CA GLY A 378 7.74 -26.30 -26.08
C GLY A 378 7.97 -24.94 -26.71
N PHE A 379 7.07 -24.56 -27.61
CA PHE A 379 7.08 -23.26 -28.28
C PHE A 379 5.71 -23.07 -28.91
N CYS A 380 5.48 -21.88 -29.44
CA CYS A 380 4.21 -21.59 -30.11
C CYS A 380 4.41 -20.46 -31.11
N ILE A 381 3.59 -20.50 -32.17
CA ILE A 381 3.61 -19.51 -33.24
C ILE A 381 2.66 -18.39 -32.85
N ALA A 382 3.16 -17.16 -32.79
CA ALA A 382 2.35 -16.01 -32.41
C ALA A 382 2.63 -14.84 -33.33
N CYS A 383 1.65 -13.95 -33.45
CA CYS A 383 1.72 -12.80 -34.35
C CYS A 383 1.63 -11.50 -33.56
N VAL A 384 2.58 -10.59 -33.81
CA VAL A 384 2.65 -9.34 -33.06
C VAL A 384 1.45 -8.45 -33.41
N VAL A 385 0.96 -7.70 -32.42
CA VAL A 385 -0.22 -6.87 -32.62
C VAL A 385 0.06 -5.41 -32.28
N TYR A 386 0.50 -5.14 -31.05
CA TYR A 386 0.72 -3.77 -30.60
C TYR A 386 2.21 -3.44 -30.66
N THR A 387 2.50 -2.16 -30.90
CA THR A 387 3.85 -1.71 -31.21
C THR A 387 4.34 -0.71 -30.17
N GLY A 388 5.40 -1.07 -29.45
CA GLY A 388 6.10 -0.18 -28.56
C GLY A 388 5.25 0.49 -27.50
N ARG A 389 5.04 1.80 -27.66
CA ARG A 389 4.20 2.57 -26.74
C ARG A 389 2.75 2.10 -26.77
N ASP A 390 2.30 1.48 -27.86
CA ASP A 390 0.93 0.99 -27.96
C ASP A 390 0.62 -0.15 -27.01
N THR A 391 1.64 -0.76 -26.39
CA THR A 391 1.42 -1.83 -25.43
C THR A 391 0.73 -1.28 -24.17
N ARG A 392 -0.15 -2.08 -23.59
CA ARG A 392 -0.95 -1.64 -22.45
C ARG A 392 -0.09 -1.29 -21.24
N GLN A 393 1.10 -1.90 -21.12
CA GLN A 393 1.98 -1.59 -20.00
C GLN A 393 2.42 -0.13 -20.04
N ALA A 394 2.53 0.45 -21.23
CA ALA A 394 2.86 1.85 -21.36
C ALA A 394 1.71 2.77 -20.94
N MET A 395 0.47 2.26 -20.88
CA MET A 395 -0.66 3.05 -20.43
C MET A 395 -1.20 2.63 -19.08
N ASN A 396 -1.26 1.33 -18.79
CA ASN A 396 -1.81 0.86 -17.53
C ASN A 396 -0.89 1.12 -16.35
N THR A 397 0.36 1.49 -16.58
CA THR A 397 1.30 1.84 -15.52
C THR A 397 1.43 3.36 -15.46
N THR A 398 1.19 3.92 -14.28
CA THR A 398 1.26 5.36 -14.07
C THR A 398 2.19 5.66 -12.90
N THR A 399 2.71 6.89 -12.90
CA THR A 399 3.60 7.32 -11.84
C THR A 399 2.84 7.45 -10.52
N ALA A 400 3.46 6.97 -9.44
CA ALA A 400 2.86 7.05 -8.13
C ALA A 400 2.82 8.50 -7.65
N LYS A 401 1.68 8.90 -7.10
CA LYS A 401 1.52 10.26 -6.61
C LYS A 401 2.31 10.46 -5.32
N VAL A 402 2.64 11.72 -5.04
CA VAL A 402 3.38 12.04 -3.83
C VAL A 402 2.43 11.97 -2.63
N LYS A 403 2.95 11.48 -1.51
CA LYS A 403 2.19 11.35 -0.28
C LYS A 403 2.74 12.32 0.76
N THR A 404 1.83 13.00 1.46
CA THR A 404 2.18 14.00 2.46
C THR A 404 1.70 13.56 3.82
N GLY A 405 2.59 13.59 4.81
CA GLY A 405 2.24 13.28 6.18
C GLY A 405 1.96 14.54 6.97
N LEU A 406 1.20 14.39 8.06
CA LEU A 406 0.91 15.55 8.90
C LEU A 406 2.15 16.02 9.64
N LEU A 407 3.04 15.09 10.00
CA LEU A 407 4.24 15.46 10.73
C LEU A 407 5.12 16.40 9.92
N GLU A 408 5.34 16.07 8.64
CA GLU A 408 6.18 16.94 7.83
C GLU A 408 5.51 18.27 7.56
N LEU A 409 4.18 18.30 7.49
CA LEU A 409 3.46 19.57 7.33
C LEU A 409 3.65 20.47 8.55
N GLU A 410 3.52 19.89 9.75
CA GLU A 410 3.72 20.72 10.94
C GLU A 410 5.19 21.09 11.13
N ILE A 411 6.11 20.24 10.66
CA ILE A 411 7.52 20.63 10.63
C ILE A 411 7.72 21.82 9.70
N ASN A 412 7.06 21.83 8.54
CA ASN A 412 7.15 22.98 7.66
C ASN A 412 6.58 24.23 8.33
N SER A 413 5.47 24.08 9.04
CA SER A 413 4.85 25.21 9.74
C SER A 413 5.79 25.78 10.80
N ILE A 414 6.33 24.91 11.67
CA ILE A 414 7.24 25.38 12.69
C ILE A 414 8.56 25.84 12.09
N SER A 415 8.89 25.40 10.88
CA SER A 415 10.06 25.91 10.18
C SER A 415 9.84 27.36 9.77
N LYS A 416 8.65 27.67 9.24
CA LYS A 416 8.32 29.07 8.96
C LYS A 416 8.31 29.89 10.25
N ILE A 417 7.79 29.32 11.33
CA ILE A 417 7.76 30.02 12.62
C ILE A 417 9.17 30.32 13.09
N LEU A 418 10.07 29.32 13.00
CA LEU A 418 11.46 29.51 13.40
C LEU A 418 12.16 30.50 12.50
N CYS A 419 11.85 30.49 11.20
CA CYS A 419 12.39 31.47 10.27
C CYS A 419 12.03 32.89 10.69
N ALA A 420 10.74 33.10 10.99
CA ALA A 420 10.30 34.42 11.45
C ALA A 420 10.96 34.79 12.77
N CYS A 421 11.11 33.83 13.67
CA CYS A 421 11.73 34.10 14.97
C CYS A 421 13.18 34.53 14.82
N VAL A 422 13.96 33.77 14.06
CA VAL A 422 15.37 34.11 13.90
C VAL A 422 15.54 35.38 13.07
N PHE A 423 14.61 35.65 12.16
CA PHE A 423 14.64 36.91 11.43
C PHE A 423 14.41 38.10 12.36
N ALA A 424 13.47 37.95 13.29
CA ALA A 424 13.25 38.97 14.30
C ALA A 424 14.45 39.14 15.22
N LEU A 425 15.09 38.02 15.59
CA LEU A 425 16.30 38.12 16.41
C LEU A 425 17.43 38.83 15.67
N SER A 426 17.57 38.54 14.38
CA SER A 426 18.59 39.23 13.59
C SER A 426 18.30 40.73 13.51
N ILE A 427 17.03 41.10 13.34
CA ILE A 427 16.65 42.50 13.37
C ILE A 427 17.00 43.12 14.71
N LEU A 428 16.72 42.41 15.81
CA LEU A 428 16.99 42.94 17.14
C LEU A 428 18.48 43.17 17.36
N LEU A 429 19.31 42.21 16.97
CA LEU A 429 20.75 42.37 17.11
C LEU A 429 21.29 43.50 16.23
N VAL A 430 20.78 43.61 14.99
CA VAL A 430 21.26 44.66 14.10
C VAL A 430 20.86 46.03 14.63
N ALA A 431 19.63 46.15 15.12
CA ALA A 431 19.18 47.43 15.68
C ALA A 431 19.96 47.79 16.94
N PHE A 432 20.24 46.80 17.79
CA PHE A 432 21.03 47.07 18.99
C PHE A 432 22.48 47.36 18.68
N ALA A 433 22.96 46.93 17.50
CA ALA A 433 24.32 47.27 17.09
C ALA A 433 24.47 48.77 16.87
N GLY A 434 23.47 49.39 16.26
CA GLY A 434 23.50 50.84 16.06
C GLY A 434 23.28 51.27 14.63
N PHE A 435 22.88 50.33 13.76
CA PHE A 435 22.59 50.58 12.36
C PHE A 435 23.78 51.19 11.61
N HIS A 436 25.00 50.83 12.01
CA HIS A 436 26.20 51.37 11.39
C HIS A 436 26.59 50.52 10.19
N ASN A 437 27.79 50.77 9.65
CA ASN A 437 28.38 50.10 8.48
C ASN A 437 27.65 50.43 7.18
N ASP A 438 26.57 51.20 7.26
CA ASP A 438 25.89 51.82 6.12
C ASP A 438 25.22 50.81 5.19
N ASP A 439 25.37 49.51 5.46
CA ASP A 439 24.81 48.46 4.63
C ASP A 439 24.07 47.49 5.55
N TRP A 440 22.80 47.81 5.83
CA TRP A 440 22.02 47.03 6.77
C TRP A 440 21.64 45.67 6.18
N TYR A 441 21.35 45.64 4.88
CA TYR A 441 20.75 44.45 4.28
C TYR A 441 21.74 43.30 4.20
N ILE A 442 22.99 43.57 3.83
CA ILE A 442 23.98 42.51 3.81
C ILE A 442 24.22 41.98 5.22
N ASP A 443 24.18 42.87 6.22
CA ASP A 443 24.37 42.46 7.60
C ASP A 443 23.25 41.54 8.07
N ILE A 444 22.01 41.93 7.80
CA ILE A 444 20.88 41.11 8.27
C ILE A 444 20.86 39.78 7.53
N LEU A 445 21.21 39.77 6.24
CA LEU A 445 21.24 38.51 5.49
C LEU A 445 22.33 37.59 6.01
N ARG A 446 23.54 38.12 6.21
CA ARG A 446 24.63 37.27 6.66
C ARG A 446 24.39 36.75 8.08
N TYR A 447 23.78 37.57 8.93
CA TYR A 447 23.49 37.11 10.28
C TYR A 447 22.34 36.10 10.28
N LEU A 448 21.38 36.26 9.37
CA LEU A 448 20.33 35.27 9.20
C LEU A 448 20.90 33.93 8.78
N ILE A 449 21.84 33.96 7.82
CA ILE A 449 22.46 32.72 7.37
C ILE A 449 23.28 32.08 8.50
N LEU A 450 23.96 32.92 9.29
CA LEU A 450 24.72 32.41 10.43
C LEU A 450 23.79 31.77 11.45
N PHE A 451 22.59 32.33 11.64
CA PHE A 451 21.60 31.72 12.50
C PHE A 451 20.93 30.49 11.90
N SER A 452 20.94 30.36 10.57
CA SER A 452 20.17 29.33 9.88
C SER A 452 21.07 28.28 9.23
N THR A 453 22.12 27.83 9.93
CA THR A 453 23.07 26.92 9.31
C THR A 453 23.24 25.63 10.12
N ILE A 454 22.36 25.34 11.06
CA ILE A 454 22.52 24.15 11.88
C ILE A 454 21.29 23.26 11.85
N ILE A 455 20.11 23.85 11.99
CA ILE A 455 18.87 23.09 12.16
C ILE A 455 18.31 22.53 10.85
N PRO A 456 18.04 23.34 9.80
CA PRO A 456 17.16 22.85 8.71
C PRO A 456 17.71 21.65 7.95
N VAL A 457 19.02 21.53 7.81
CA VAL A 457 19.59 20.44 7.02
C VAL A 457 19.77 19.19 7.87
N SER A 458 20.07 19.35 9.15
CA SER A 458 20.24 18.19 10.03
C SER A 458 18.92 17.47 10.26
N LEU A 459 17.83 18.23 10.35
CA LEU A 459 16.52 17.63 10.56
C LEU A 459 16.14 16.71 9.41
N ARG A 460 16.43 17.13 8.18
CA ARG A 460 16.05 16.33 7.01
C ARG A 460 16.76 14.98 7.01
N VAL A 461 18.07 14.97 7.23
CA VAL A 461 18.82 13.72 7.21
C VAL A 461 18.46 12.86 8.40
N ASN A 462 18.20 13.48 9.57
CA ASN A 462 17.77 12.70 10.72
C ASN A 462 16.44 12.01 10.44
N LEU A 463 15.50 12.72 9.81
CA LEU A 463 14.23 12.11 9.45
C LEU A 463 14.39 11.01 8.41
N ASP A 464 15.27 11.21 7.42
CA ASP A 464 15.47 10.18 6.41
C ASP A 464 16.07 8.90 7.01
N LEU A 465 17.07 9.07 7.89
CA LEU A 465 17.61 7.91 8.59
C LEU A 465 16.55 7.28 9.49
N ALA A 466 15.63 8.11 10.01
CA ALA A 466 14.51 7.58 10.79
C ALA A 466 13.63 6.69 9.93
N LYS A 467 13.30 7.14 8.71
CA LYS A 467 12.52 6.28 7.81
C LYS A 467 13.25 4.98 7.53
N SER A 468 14.56 5.06 7.29
CA SER A 468 15.33 3.86 6.99
C SER A 468 15.31 2.86 8.14
N VAL A 469 15.64 3.34 9.36
CA VAL A 469 15.70 2.43 10.50
C VAL A 469 14.30 1.96 10.88
N TYR A 470 13.27 2.76 10.63
CA TYR A 470 11.91 2.35 10.95
C TYR A 470 11.45 1.24 10.01
N ALA A 471 11.76 1.37 8.71
CA ALA A 471 11.48 0.28 7.78
C ALA A 471 12.25 -0.97 8.15
N HIS A 472 13.50 -0.81 8.58
CA HIS A 472 14.28 -1.97 9.02
C HIS A 472 13.64 -2.65 10.22
N GLN A 473 13.17 -1.85 11.19
CA GLN A 473 12.54 -2.43 12.38
C GLN A 473 11.22 -3.10 12.05
N ILE A 474 10.43 -2.53 11.12
CA ILE A 474 9.19 -3.16 10.71
C ILE A 474 9.46 -4.49 10.01
N GLU A 475 10.43 -4.50 9.10
CA GLU A 475 10.75 -5.70 8.33
C GLU A 475 11.78 -6.59 9.01
N HIS A 476 12.07 -6.35 10.30
CA HIS A 476 13.01 -7.16 11.04
C HIS A 476 12.45 -7.58 12.39
N ASP A 477 11.17 -7.94 12.44
CA ASP A 477 10.52 -8.39 13.66
C ASP A 477 10.10 -9.84 13.52
N LYS A 478 10.49 -10.67 14.49
CA LYS A 478 10.01 -12.05 14.52
C LYS A 478 8.52 -12.12 14.80
N THR A 479 8.00 -11.15 15.57
CA THR A 479 6.57 -11.10 15.83
C THR A 479 5.77 -10.74 14.58
N ILE A 480 6.42 -10.15 13.58
CA ILE A 480 5.73 -9.73 12.37
C ILE A 480 6.39 -10.43 11.19
N PRO A 481 6.02 -11.68 10.90
CA PRO A 481 6.66 -12.38 9.77
C PRO A 481 6.09 -11.93 8.43
N GLU A 482 6.99 -11.78 7.47
CA GLU A 482 6.67 -11.55 6.05
C GLU A 482 5.79 -10.31 5.90
N THR A 483 6.41 -9.17 6.19
CA THR A 483 5.81 -7.86 5.96
C THR A 483 6.62 -7.12 4.90
N ILE A 484 5.92 -6.35 4.07
CA ILE A 484 6.54 -5.62 2.97
C ILE A 484 6.06 -4.18 2.99
N VAL A 485 7.00 -3.24 3.03
CA VAL A 485 6.70 -1.83 2.86
C VAL A 485 7.01 -1.46 1.42
N ARG A 486 6.06 -0.82 0.75
CA ARG A 486 6.17 -0.55 -0.67
C ARG A 486 6.27 0.94 -1.00
N THR A 487 6.04 1.82 -0.01
CA THR A 487 6.21 3.25 -0.22
C THR A 487 6.79 3.82 1.08
N SER A 488 8.10 3.98 1.11
CA SER A 488 8.79 4.47 2.30
C SER A 488 8.76 5.98 2.43
N THR A 489 8.00 6.68 1.59
CA THR A 489 7.92 8.14 1.70
C THR A 489 7.25 8.55 3.00
N ILE A 490 6.10 7.99 3.30
CA ILE A 490 5.39 8.28 4.56
C ILE A 490 5.10 6.98 5.29
N PRO A 491 6.09 6.40 5.96
CA PRO A 491 5.82 5.24 6.82
C PRO A 491 5.45 5.68 8.23
N GLU A 492 5.02 6.92 8.38
CA GLU A 492 4.89 7.56 9.68
C GLU A 492 3.45 7.80 10.12
N ASP A 493 2.53 8.08 9.19
CA ASP A 493 1.18 8.50 9.57
C ASP A 493 0.38 7.41 10.27
N LEU A 494 0.86 6.17 10.27
CA LEU A 494 0.14 5.08 10.92
C LEU A 494 -0.05 5.33 12.41
N GLY A 495 0.86 6.09 13.01
CA GLY A 495 0.76 6.37 14.44
C GLY A 495 -0.42 7.21 14.82
N ARG A 496 -0.88 8.09 13.92
CA ARG A 496 -2.01 8.99 14.19
C ARG A 496 -3.07 8.67 13.14
N ILE A 497 -3.88 7.67 13.43
CA ILE A 497 -4.98 7.25 12.57
C ILE A 497 -6.23 7.17 13.43
N GLU A 498 -7.34 7.67 12.92
CA GLU A 498 -8.60 7.59 13.64
C GLU A 498 -9.64 6.70 12.98
N TYR A 499 -9.54 6.43 11.68
CA TYR A 499 -10.57 5.72 10.94
C TYR A 499 -10.01 4.47 10.29
N LEU A 500 -10.81 3.40 10.33
CA LEU A 500 -10.50 2.16 9.63
C LEU A 500 -11.58 1.88 8.60
N LEU A 501 -11.19 1.81 7.34
CA LEU A 501 -12.09 1.40 6.25
C LEU A 501 -11.61 0.04 5.75
N SER A 502 -12.46 -0.97 5.86
CA SER A 502 -12.03 -2.33 5.58
C SER A 502 -13.16 -3.15 4.98
N ASP A 503 -12.77 -4.21 4.26
CA ASP A 503 -13.64 -5.25 3.77
C ASP A 503 -13.55 -6.47 4.69
N LYS A 504 -14.57 -7.32 4.64
CA LYS A 504 -14.56 -8.57 5.40
C LYS A 504 -14.00 -9.73 4.60
N THR A 505 -13.99 -9.64 3.28
CA THR A 505 -13.56 -10.75 2.45
C THR A 505 -12.06 -10.98 2.62
N GLY A 506 -11.71 -12.01 3.38
CA GLY A 506 -10.31 -12.32 3.63
C GLY A 506 -9.67 -11.46 4.71
N THR A 507 -9.94 -10.16 4.70
CA THR A 507 -9.30 -9.25 5.65
C THR A 507 -9.82 -9.49 7.07
N LEU A 508 -11.13 -9.56 7.23
CA LEU A 508 -11.74 -9.84 8.52
C LEU A 508 -12.23 -11.27 8.66
N THR A 509 -11.91 -12.14 7.71
CA THR A 509 -12.26 -13.55 7.77
C THR A 509 -11.01 -14.41 7.55
N GLN A 510 -11.21 -15.72 7.55
CA GLN A 510 -10.16 -16.67 7.19
C GLN A 510 -10.34 -17.25 5.80
N ASN A 511 -11.43 -16.88 5.10
CA ASN A 511 -11.77 -17.40 3.79
C ASN A 511 -11.94 -18.92 3.82
N ASP A 512 -12.35 -19.45 4.97
CA ASP A 512 -12.70 -20.87 5.07
C ASP A 512 -14.22 -21.01 5.04
N MET A 513 -14.71 -21.77 4.06
CA MET A 513 -16.15 -21.87 3.79
C MET A 513 -16.68 -23.24 4.17
N GLN A 514 -17.89 -23.28 4.72
CA GLN A 514 -18.59 -24.52 5.05
C GLN A 514 -20.08 -24.33 4.78
N LEU A 515 -20.65 -25.17 3.93
CA LEU A 515 -22.10 -25.19 3.78
C LEU A 515 -22.75 -25.68 5.07
N LYS A 516 -23.84 -25.05 5.47
CA LYS A 516 -24.50 -25.39 6.72
C LYS A 516 -25.97 -25.76 6.59
N LYS A 517 -26.71 -25.09 5.72
CA LYS A 517 -28.13 -25.37 5.58
C LYS A 517 -28.55 -25.20 4.14
N ILE A 518 -29.28 -26.19 3.63
CA ILE A 518 -29.79 -26.20 2.26
C ILE A 518 -31.27 -26.57 2.30
N HIS A 519 -32.08 -25.79 1.60
CA HIS A 519 -33.53 -25.90 1.75
C HIS A 519 -34.19 -26.00 0.38
N LEU A 520 -34.97 -27.07 0.20
CA LEU A 520 -35.72 -27.31 -1.03
C LEU A 520 -37.11 -27.83 -0.67
N GLY A 521 -38.13 -27.22 -1.27
CA GLY A 521 -39.51 -27.66 -1.18
C GLY A 521 -40.04 -27.84 0.23
N THR A 522 -39.93 -26.78 1.05
CA THR A 522 -40.26 -26.77 2.47
C THR A 522 -39.54 -27.87 3.24
N VAL A 523 -38.40 -28.35 2.75
CA VAL A 523 -37.64 -29.42 3.37
C VAL A 523 -36.22 -28.90 3.57
N SER A 524 -35.77 -28.85 4.81
CA SER A 524 -34.49 -28.27 5.17
C SER A 524 -33.52 -29.35 5.64
N TYR A 525 -32.33 -29.36 5.04
CA TYR A 525 -31.24 -30.24 5.43
C TYR A 525 -30.10 -29.40 5.98
N THR A 526 -29.37 -29.98 6.93
CA THR A 526 -28.28 -29.29 7.60
C THR A 526 -27.00 -30.11 7.55
N SER A 527 -26.00 -29.73 8.34
CA SER A 527 -24.81 -30.55 8.50
C SER A 527 -25.17 -31.94 9.02
N GLU A 528 -26.15 -32.00 9.92
CA GLU A 528 -26.70 -33.28 10.35
C GLU A 528 -27.68 -33.80 9.31
N THR A 529 -28.17 -35.02 9.56
CA THR A 529 -29.09 -35.75 8.67
C THR A 529 -28.51 -35.87 7.25
N LEU A 530 -27.30 -36.42 7.14
CA LEU A 530 -26.73 -36.66 5.82
C LEU A 530 -27.11 -38.05 5.31
N ASP A 531 -27.78 -38.85 6.14
CA ASP A 531 -28.16 -40.20 5.74
C ASP A 531 -29.16 -40.17 4.59
N ILE A 532 -30.14 -39.27 4.65
CA ILE A 532 -31.19 -39.22 3.63
C ILE A 532 -30.60 -38.80 2.28
N VAL A 533 -29.80 -37.74 2.28
CA VAL A 533 -29.21 -37.29 1.03
C VAL A 533 -28.19 -38.29 0.52
N SER A 534 -27.51 -39.00 1.42
CA SER A 534 -26.56 -40.03 1.01
C SER A 534 -27.27 -41.18 0.33
N ASP A 535 -28.39 -41.65 0.89
CA ASP A 535 -29.10 -42.74 0.23
C ASP A 535 -29.79 -42.28 -1.04
N TYR A 536 -30.14 -40.99 -1.13
CA TYR A 536 -30.62 -40.45 -2.40
C TYR A 536 -29.53 -40.51 -3.46
N VAL A 537 -28.30 -40.15 -3.08
CA VAL A 537 -27.16 -40.24 -4.00
C VAL A 537 -26.93 -41.68 -4.43
N GLN A 538 -27.01 -42.61 -3.47
CA GLN A 538 -26.86 -44.03 -3.79
C GLN A 538 -27.98 -44.52 -4.70
N SER A 539 -29.19 -43.97 -4.55
CA SER A 539 -30.33 -44.35 -5.37
C SER A 539 -30.35 -43.62 -6.71
N LEU A 540 -29.46 -42.65 -6.92
CA LEU A 540 -29.31 -42.07 -8.25
C LEU A 540 -28.94 -43.12 -9.29
N VAL A 541 -28.01 -44.00 -8.95
CA VAL A 541 -27.62 -45.08 -9.85
C VAL A 541 -27.71 -46.43 -9.13
N LYS A 560 -40.18 -39.39 -3.18
CA LYS A 560 -40.30 -39.71 -4.59
C LYS A 560 -39.87 -38.53 -5.45
N ASP A 561 -40.80 -37.60 -5.70
CA ASP A 561 -40.48 -36.40 -6.47
C ASP A 561 -39.49 -35.52 -5.73
N MET A 562 -39.62 -35.44 -4.40
CA MET A 562 -38.65 -34.68 -3.60
C MET A 562 -37.26 -35.30 -3.70
N SER A 563 -37.18 -36.62 -3.73
CA SER A 563 -35.89 -37.29 -3.92
C SER A 563 -35.29 -36.96 -5.28
N PHE A 564 -36.13 -36.94 -6.32
CA PHE A 564 -35.66 -36.57 -7.65
C PHE A 564 -35.15 -35.14 -7.68
N ARG A 565 -35.86 -34.22 -7.02
CA ARG A 565 -35.40 -32.85 -6.93
C ARG A 565 -34.08 -32.75 -6.18
N VAL A 566 -33.93 -33.55 -5.11
CA VAL A 566 -32.70 -33.51 -4.32
C VAL A 566 -31.52 -33.98 -5.16
N ARG A 567 -31.68 -35.11 -5.86
CA ARG A 567 -30.55 -35.61 -6.63
C ARG A 567 -30.23 -34.71 -7.82
N ASP A 568 -31.26 -34.11 -8.43
CA ASP A 568 -31.01 -33.14 -9.50
C ASP A 568 -30.29 -31.92 -8.96
N MET A 569 -30.64 -31.49 -7.75
CA MET A 569 -29.95 -30.36 -7.11
C MET A 569 -28.49 -30.67 -6.85
N ILE A 570 -28.21 -31.90 -6.39
CA ILE A 570 -26.83 -32.32 -6.18
C ILE A 570 -26.07 -32.34 -7.51
N LEU A 571 -26.72 -32.82 -8.57
CA LEU A 571 -26.15 -32.81 -9.90
C LEU A 571 -25.79 -31.39 -10.35
N THR A 572 -26.71 -30.46 -10.14
CA THR A 572 -26.47 -29.07 -10.53
C THR A 572 -25.32 -28.47 -9.74
N LEU A 573 -25.23 -28.81 -8.45
CA LEU A 573 -24.07 -28.35 -7.66
C LEU A 573 -22.78 -28.92 -8.22
N ALA A 574 -22.79 -30.20 -8.58
CA ALA A 574 -21.56 -30.88 -8.99
C ALA A 574 -21.13 -30.51 -10.41
N ILE A 575 -22.01 -29.91 -11.21
CA ILE A 575 -21.64 -29.64 -12.60
C ILE A 575 -21.32 -28.15 -12.81
N CYS A 576 -22.23 -27.27 -12.36
CA CYS A 576 -22.23 -25.89 -12.83
C CYS A 576 -21.01 -25.11 -12.35
N HIS A 577 -20.30 -25.59 -11.34
CA HIS A 577 -19.12 -24.91 -10.82
C HIS A 577 -18.00 -24.93 -11.86
N ASN A 578 -16.97 -24.12 -11.60
CA ASN A 578 -15.80 -24.00 -12.46
C ASN A 578 -14.53 -24.29 -11.68
N VAL A 579 -14.52 -25.42 -10.97
CA VAL A 579 -13.42 -25.77 -10.08
C VAL A 579 -12.50 -26.76 -10.78
N THR A 580 -11.20 -26.62 -10.52
CA THR A 580 -10.16 -27.46 -11.11
C THR A 580 -9.65 -28.44 -10.07
N PRO A 581 -9.49 -29.71 -10.43
CA PRO A 581 -8.98 -30.70 -9.47
C PRO A 581 -7.47 -30.87 -9.55
N THR A 582 -6.95 -31.58 -8.55
CA THR A 582 -5.56 -32.05 -8.55
C THR A 582 -5.47 -33.30 -7.67
N PHE A 583 -4.80 -34.32 -8.21
CA PHE A 583 -4.79 -35.66 -7.63
C PHE A 583 -3.64 -35.80 -6.64
N GLU A 584 -3.87 -36.57 -5.59
CA GLU A 584 -2.80 -37.05 -4.72
C GLU A 584 -3.23 -38.41 -4.17
N ASP A 585 -2.58 -38.85 -3.09
CA ASP A 585 -2.84 -40.18 -2.54
C ASP A 585 -4.28 -40.31 -2.05
N ASP A 586 -4.78 -39.30 -1.34
CA ASP A 586 -6.15 -39.30 -0.85
C ASP A 586 -6.56 -37.86 -0.59
N GLU A 587 -7.87 -37.64 -0.45
CA GLU A 587 -8.46 -36.32 -0.25
C GLU A 587 -8.05 -35.37 -1.37
N LEU A 588 -8.51 -35.69 -2.58
CA LEU A 588 -8.12 -34.97 -3.79
C LEU A 588 -8.46 -33.50 -3.68
N THR A 589 -7.53 -32.64 -4.07
CA THR A 589 -7.61 -31.22 -3.74
C THR A 589 -8.21 -30.44 -4.91
N TYR A 590 -8.78 -29.27 -4.60
CA TYR A 590 -9.48 -28.49 -5.61
C TYR A 590 -9.08 -27.02 -5.46
N GLN A 591 -8.96 -26.36 -6.62
CA GLN A 591 -8.62 -24.94 -6.68
C GLN A 591 -9.43 -24.29 -7.79
N ALA A 592 -9.83 -23.04 -7.58
CA ALA A 592 -10.56 -22.31 -8.62
C ALA A 592 -10.34 -20.81 -8.41
N ALA A 593 -11.03 -20.01 -9.21
CA ALA A 593 -11.01 -18.55 -9.09
C ALA A 593 -12.15 -18.02 -8.25
N SER A 594 -12.98 -18.91 -7.69
CA SER A 594 -14.00 -18.52 -6.74
C SER A 594 -14.19 -19.71 -5.81
N PRO A 595 -13.78 -19.62 -4.55
CA PRO A 595 -13.73 -20.83 -3.70
C PRO A 595 -15.04 -21.17 -3.02
N ASP A 596 -16.10 -20.38 -3.23
CA ASP A 596 -17.43 -20.80 -2.78
C ASP A 596 -17.84 -22.10 -3.45
N GLU A 597 -17.56 -22.23 -4.75
CA GLU A 597 -17.82 -23.49 -5.42
C GLU A 597 -16.87 -24.59 -4.95
N ILE A 598 -15.70 -24.23 -4.44
CA ILE A 598 -14.86 -25.23 -3.77
C ILE A 598 -15.56 -25.75 -2.52
N ALA A 599 -16.21 -24.86 -1.77
CA ALA A 599 -17.03 -25.32 -0.65
C ALA A 599 -18.19 -26.20 -1.13
N ILE A 600 -18.79 -25.84 -2.27
CA ILE A 600 -19.89 -26.61 -2.83
C ILE A 600 -19.43 -28.04 -3.17
N VAL A 601 -18.29 -28.15 -3.85
CA VAL A 601 -17.82 -29.48 -4.24
C VAL A 601 -17.37 -30.26 -3.02
N LYS A 602 -16.83 -29.57 -2.00
CA LYS A 602 -16.52 -30.22 -0.74
C LYS A 602 -17.77 -30.83 -0.11
N PHE A 603 -18.86 -30.08 -0.10
CA PHE A 603 -20.12 -30.60 0.45
C PHE A 603 -20.62 -31.78 -0.38
N THR A 604 -20.56 -31.68 -1.70
CA THR A 604 -21.09 -32.75 -2.55
C THR A 604 -20.30 -34.04 -2.38
N GLU A 605 -18.96 -33.93 -2.28
CA GLU A 605 -18.18 -35.15 -2.07
C GLU A 605 -18.35 -35.68 -0.66
N SER A 606 -18.62 -34.79 0.31
CA SER A 606 -18.90 -35.25 1.67
C SER A 606 -20.22 -36.01 1.73
N VAL A 607 -21.20 -35.61 0.90
CA VAL A 607 -22.45 -36.36 0.83
C VAL A 607 -22.21 -37.77 0.31
N GLY A 608 -21.38 -37.91 -0.72
CA GLY A 608 -21.09 -39.22 -1.27
C GLY A 608 -20.92 -39.23 -2.78
N LEU A 609 -21.35 -38.16 -3.44
CA LEU A 609 -21.16 -38.00 -4.87
C LEU A 609 -19.81 -37.32 -5.08
N SER A 610 -18.81 -38.10 -5.48
CA SER A 610 -17.44 -37.64 -5.59
C SER A 610 -17.13 -37.27 -7.04
N LEU A 611 -16.92 -35.99 -7.28
CA LEU A 611 -16.47 -35.52 -8.58
C LEU A 611 -14.97 -35.81 -8.75
N PHE A 612 -14.56 -35.92 -10.01
CA PHE A 612 -13.18 -36.24 -10.36
C PHE A 612 -12.75 -35.32 -11.49
N LYS A 613 -11.63 -35.70 -12.14
CA LYS A 613 -10.83 -34.87 -13.03
C LYS A 613 -11.68 -34.06 -14.01
N ARG A 614 -11.25 -32.82 -14.23
CA ARG A 614 -11.94 -31.89 -15.11
C ARG A 614 -10.91 -31.33 -16.08
N ASP A 615 -11.19 -31.41 -17.37
CA ASP A 615 -10.29 -30.81 -18.34
C ASP A 615 -10.35 -29.29 -18.28
N ARG A 616 -11.57 -28.73 -18.26
CA ARG A 616 -11.88 -27.31 -18.15
C ARG A 616 -11.45 -26.56 -19.40
N HIS A 617 -10.84 -27.27 -20.36
CA HIS A 617 -10.60 -26.76 -21.70
C HIS A 617 -11.34 -27.57 -22.76
N SER A 618 -11.34 -28.89 -22.65
CA SER A 618 -12.15 -29.77 -23.48
C SER A 618 -13.41 -30.15 -22.71
N ILE A 619 -14.16 -31.10 -23.24
CA ILE A 619 -15.48 -31.44 -22.73
C ILE A 619 -15.39 -32.78 -22.03
N SER A 620 -15.43 -32.75 -20.70
CA SER A 620 -15.33 -33.96 -19.88
C SER A 620 -15.84 -33.71 -18.47
N LEU A 621 -16.71 -34.59 -17.96
CA LEU A 621 -17.25 -34.47 -16.60
C LEU A 621 -17.32 -35.85 -15.98
N LEU A 622 -16.55 -36.07 -14.92
CA LEU A 622 -16.46 -37.38 -14.27
C LEU A 622 -16.99 -37.31 -12.85
N HIS A 623 -17.91 -38.22 -12.52
CA HIS A 623 -18.59 -38.20 -11.22
C HIS A 623 -18.85 -39.64 -10.80
N GLU A 624 -18.14 -40.11 -9.78
CA GLU A 624 -18.31 -41.46 -9.25
C GLU A 624 -18.82 -41.39 -7.81
N HIS A 625 -19.74 -42.28 -7.50
CA HIS A 625 -20.27 -42.42 -6.14
C HIS A 625 -20.11 -43.89 -5.78
N SER A 626 -20.82 -44.35 -4.74
CA SER A 626 -20.78 -45.75 -4.35
C SER A 626 -21.24 -46.68 -5.48
N GLY A 627 -21.97 -46.17 -6.46
CA GLY A 627 -22.43 -46.96 -7.59
C GLY A 627 -21.45 -46.98 -8.75
N LYS A 628 -21.90 -46.55 -9.93
CA LYS A 628 -21.16 -46.69 -11.17
C LYS A 628 -20.75 -45.32 -11.70
N THR A 629 -19.61 -45.28 -12.39
CA THR A 629 -19.00 -44.03 -12.84
C THR A 629 -19.89 -43.33 -13.86
N LEU A 630 -20.07 -42.03 -13.68
CA LEU A 630 -20.96 -41.23 -14.51
C LEU A 630 -20.16 -40.17 -15.26
N ASN A 631 -20.51 -39.96 -16.53
CA ASN A 631 -19.77 -39.03 -17.39
C ASN A 631 -20.73 -38.14 -18.17
N TYR A 632 -20.47 -36.85 -18.11
CA TYR A 632 -21.13 -35.81 -18.90
C TYR A 632 -20.10 -35.01 -19.69
N GLU A 633 -20.58 -33.98 -20.38
CA GLU A 633 -19.74 -32.99 -21.04
C GLU A 633 -20.54 -31.72 -21.23
N ILE A 634 -19.89 -30.57 -21.09
CA ILE A 634 -20.59 -29.29 -21.21
C ILE A 634 -20.73 -28.94 -22.69
N LEU A 635 -21.95 -28.60 -23.09
CA LEU A 635 -22.14 -28.14 -24.47
C LEU A 635 -21.67 -26.70 -24.65
N GLN A 636 -21.91 -25.85 -23.65
CA GLN A 636 -21.46 -24.46 -23.72
C GLN A 636 -21.41 -23.89 -22.30
N VAL A 637 -20.51 -22.94 -22.09
CA VAL A 637 -20.29 -22.32 -20.79
C VAL A 637 -20.20 -20.81 -20.97
N PHE A 638 -20.69 -20.07 -19.98
CA PHE A 638 -20.50 -18.62 -19.92
C PHE A 638 -19.79 -18.28 -18.62
N PRO A 639 -18.65 -17.62 -18.66
CA PRO A 639 -17.91 -17.32 -17.42
C PRO A 639 -18.63 -16.30 -16.56
N PHE A 640 -18.34 -16.35 -15.26
CA PHE A 640 -18.96 -15.43 -14.32
C PHE A 640 -18.39 -14.02 -14.51
N ASN A 641 -19.22 -13.02 -14.24
CA ASN A 641 -18.84 -11.62 -14.38
C ASN A 641 -19.16 -10.88 -13.09
N SER A 642 -18.36 -9.85 -12.80
CA SER A 642 -18.56 -9.05 -11.61
C SER A 642 -19.78 -8.14 -11.70
N ASP A 643 -20.38 -8.02 -12.88
CA ASP A 643 -21.59 -7.23 -13.06
C ASP A 643 -22.80 -8.07 -13.43
N SER A 644 -22.60 -9.19 -14.14
CA SER A 644 -23.72 -10.04 -14.52
C SER A 644 -24.31 -10.78 -13.34
N LYS A 645 -23.51 -11.08 -12.31
CA LYS A 645 -23.92 -11.81 -11.12
C LYS A 645 -24.48 -13.18 -11.45
N ARG A 646 -24.07 -13.74 -12.59
CA ARG A 646 -24.62 -14.97 -13.11
C ARG A 646 -23.54 -15.79 -13.78
N MET A 647 -23.75 -17.10 -13.84
CA MET A 647 -23.02 -17.97 -14.76
C MET A 647 -23.95 -19.11 -15.19
N GLY A 648 -23.96 -19.38 -16.49
CA GLY A 648 -24.86 -20.37 -17.07
C GLY A 648 -24.11 -21.34 -17.96
N ILE A 649 -24.64 -22.56 -18.06
CA ILE A 649 -24.04 -23.60 -18.89
C ILE A 649 -25.16 -24.41 -19.54
N ILE A 650 -24.78 -25.17 -20.57
CA ILE A 650 -25.61 -26.23 -21.13
C ILE A 650 -24.74 -27.47 -21.30
N VAL A 651 -25.29 -28.62 -20.92
CA VAL A 651 -24.56 -29.88 -20.76
C VAL A 651 -25.32 -31.00 -21.47
N ARG A 652 -24.58 -31.87 -22.15
CA ARG A 652 -25.12 -33.06 -22.77
C ARG A 652 -24.62 -34.31 -22.07
N ASP A 653 -25.54 -35.26 -21.84
CA ASP A 653 -25.18 -36.56 -21.30
C ASP A 653 -24.70 -37.48 -22.43
N GLU A 654 -23.90 -38.48 -22.04
CA GLU A 654 -23.61 -39.63 -22.89
C GLU A 654 -24.43 -40.85 -22.50
N GLN A 655 -24.64 -41.07 -21.21
CA GLN A 655 -25.37 -42.25 -20.75
C GLN A 655 -26.84 -42.19 -21.13
N LEU A 656 -27.45 -41.00 -21.09
CA LEU A 656 -28.86 -40.84 -21.43
C LEU A 656 -29.13 -39.76 -22.48
N ASP A 657 -28.17 -38.88 -22.77
CA ASP A 657 -28.20 -37.96 -23.91
C ASP A 657 -29.40 -37.01 -23.84
N GLU A 658 -29.38 -36.14 -22.83
CA GLU A 658 -30.33 -35.04 -22.73
C GLU A 658 -29.58 -33.72 -22.69
N TYR A 659 -30.30 -32.63 -22.97
CA TYR A 659 -29.73 -31.29 -22.96
C TYR A 659 -30.21 -30.53 -21.73
N TRP A 660 -29.29 -30.26 -20.81
CA TRP A 660 -29.60 -29.64 -19.53
C TRP A 660 -29.01 -28.23 -19.54
N PHE A 661 -29.87 -27.22 -19.56
CA PHE A 661 -29.40 -25.85 -19.37
C PHE A 661 -29.51 -25.50 -17.89
N MET A 662 -28.42 -25.00 -17.32
CA MET A 662 -28.36 -24.74 -15.90
C MET A 662 -27.87 -23.31 -15.67
N GLN A 663 -28.38 -22.69 -14.61
CA GLN A 663 -28.07 -21.31 -14.33
C GLN A 663 -27.81 -21.16 -12.83
N LYS A 664 -26.79 -20.38 -12.49
CA LYS A 664 -26.33 -20.19 -11.12
C LYS A 664 -26.13 -18.70 -10.90
N GLY A 665 -26.49 -18.21 -9.72
CA GLY A 665 -26.13 -16.83 -9.43
C GLY A 665 -26.97 -16.23 -8.32
N ALA A 666 -27.02 -14.90 -8.33
CA ALA A 666 -27.80 -14.14 -7.36
C ALA A 666 -29.25 -14.04 -7.82
N ASP A 667 -30.16 -14.08 -6.84
CA ASP A 667 -31.58 -14.02 -7.16
C ASP A 667 -32.02 -12.63 -7.62
N THR A 668 -31.22 -11.60 -7.30
CA THR A 668 -31.64 -10.23 -7.56
C THR A 668 -31.81 -9.93 -9.04
N VAL A 669 -31.19 -10.72 -9.90
CA VAL A 669 -31.26 -10.52 -11.35
C VAL A 669 -32.14 -11.56 -12.04
N MET A 670 -32.12 -12.80 -11.56
CA MET A 670 -32.84 -13.88 -12.23
C MET A 670 -34.15 -14.25 -11.56
N SER A 671 -34.57 -13.51 -10.53
CA SER A 671 -35.83 -13.81 -9.86
C SER A 671 -37.01 -13.62 -10.82
N LYS A 672 -36.98 -12.54 -11.60
CA LYS A 672 -38.03 -12.33 -12.60
C LYS A 672 -37.81 -13.19 -13.83
N ILE A 673 -36.61 -13.76 -13.98
CA ILE A 673 -36.28 -14.52 -15.18
C ILE A 673 -36.68 -15.98 -15.03
N VAL A 674 -36.61 -16.51 -13.82
CA VAL A 674 -36.79 -17.95 -13.63
C VAL A 674 -38.26 -18.34 -13.80
N GLU A 675 -39.15 -17.83 -12.97
CA GLU A 675 -40.56 -18.24 -12.93
C GLU A 675 -41.34 -17.15 -12.22
N SER A 676 -42.64 -17.40 -12.02
CA SER A 676 -43.49 -16.61 -11.13
C SER A 676 -43.58 -17.23 -9.74
N ASN A 677 -42.52 -17.89 -9.29
CA ASN A 677 -42.54 -18.68 -8.08
C ASN A 677 -42.55 -17.78 -6.84
N ASP A 678 -43.07 -18.32 -5.74
CA ASP A 678 -43.34 -17.55 -4.53
C ASP A 678 -42.35 -17.79 -3.39
N TRP A 679 -41.84 -19.00 -3.26
CA TRP A 679 -41.01 -19.40 -2.12
C TRP A 679 -39.53 -19.07 -2.31
N LEU A 680 -39.19 -17.98 -2.98
CA LEU A 680 -37.78 -17.59 -3.00
C LEU A 680 -37.50 -16.47 -1.99
N GLU A 681 -38.34 -15.43 -1.98
CA GLU A 681 -38.02 -14.20 -1.27
C GLU A 681 -37.87 -14.41 0.24
N GLU A 682 -38.87 -15.03 0.86
CA GLU A 682 -38.90 -15.09 2.32
C GLU A 682 -37.85 -16.05 2.86
N GLU A 683 -37.58 -17.13 2.13
CA GLU A 683 -36.49 -18.03 2.51
C GLU A 683 -35.12 -17.40 2.32
N THR A 684 -34.92 -16.62 1.24
CA THR A 684 -33.67 -15.88 1.14
C THR A 684 -33.51 -14.92 2.30
N GLY A 685 -34.60 -14.27 2.71
CA GLY A 685 -34.55 -13.45 3.92
C GLY A 685 -34.23 -14.26 5.16
N ASN A 686 -34.78 -15.48 5.25
CA ASN A 686 -34.57 -16.32 6.42
C ASN A 686 -33.10 -16.70 6.56
N MET A 687 -32.50 -17.25 5.51
CA MET A 687 -31.08 -17.52 5.57
C MET A 687 -30.23 -16.26 5.53
N ALA A 688 -30.82 -15.10 5.19
CA ALA A 688 -30.10 -13.84 5.32
C ALA A 688 -29.92 -13.46 6.78
N ARG A 689 -30.97 -13.54 7.59
CA ARG A 689 -30.77 -13.22 9.01
C ARG A 689 -30.32 -14.44 9.80
N GLU A 690 -30.17 -15.60 9.16
CA GLU A 690 -29.37 -16.68 9.73
C GLU A 690 -27.88 -16.46 9.59
N GLY A 691 -27.46 -15.32 9.02
CA GLY A 691 -26.06 -15.05 8.79
C GLY A 691 -25.45 -15.96 7.75
N LEU A 692 -26.20 -16.24 6.69
CA LEU A 692 -25.75 -17.10 5.61
C LEU A 692 -25.85 -16.37 4.29
N ARG A 693 -24.72 -16.27 3.59
CA ARG A 693 -24.71 -15.82 2.21
C ARG A 693 -25.20 -16.93 1.29
N THR A 694 -26.11 -16.58 0.39
CA THR A 694 -26.87 -17.57 -0.36
C THR A 694 -26.88 -17.17 -1.84
N LEU A 695 -26.77 -18.18 -2.70
CA LEU A 695 -27.03 -18.02 -4.13
C LEU A 695 -28.01 -19.11 -4.56
N VAL A 696 -28.47 -19.03 -5.81
CA VAL A 696 -29.66 -19.74 -6.24
C VAL A 696 -29.38 -20.41 -7.59
N ILE A 697 -30.14 -21.49 -7.83
CA ILE A 697 -29.93 -22.40 -8.96
C ILE A 697 -31.23 -22.62 -9.72
N GLY A 698 -31.14 -22.61 -11.04
CA GLY A 698 -32.27 -22.91 -11.89
C GLY A 698 -31.87 -23.82 -13.03
N ARG A 699 -32.86 -24.47 -13.62
CA ARG A 699 -32.61 -25.45 -14.67
C ARG A 699 -33.65 -25.30 -15.77
N LYS A 700 -33.39 -25.95 -16.90
CA LYS A 700 -34.28 -25.92 -18.06
C LYS A 700 -33.92 -27.05 -18.98
N LYS A 701 -34.92 -27.73 -19.54
CA LYS A 701 -34.67 -28.81 -20.48
C LYS A 701 -34.66 -28.26 -21.91
N LEU A 702 -33.59 -28.51 -22.65
CA LEU A 702 -33.45 -27.97 -23.99
C LEU A 702 -33.33 -29.11 -25.01
N ASN A 703 -33.25 -28.72 -26.27
CA ASN A 703 -33.21 -29.65 -27.40
C ASN A 703 -32.02 -29.33 -28.30
N LYS A 704 -31.86 -30.17 -29.33
CA LYS A 704 -30.70 -30.07 -30.20
C LYS A 704 -30.79 -28.89 -31.16
N LYS A 705 -31.96 -28.68 -31.76
CA LYS A 705 -32.10 -27.64 -32.78
C LYS A 705 -31.90 -26.25 -32.20
N ILE A 706 -32.50 -25.99 -31.05
CA ILE A 706 -32.33 -24.68 -30.40
C ILE A 706 -30.88 -24.50 -29.98
N TYR A 707 -30.23 -25.59 -29.54
CA TYR A 707 -28.82 -25.49 -29.16
C TYR A 707 -27.93 -25.14 -30.34
N GLU A 708 -28.17 -25.76 -31.50
CA GLU A 708 -27.30 -25.47 -32.64
C GLU A 708 -27.58 -24.11 -33.23
N GLN A 709 -28.84 -23.65 -33.23
CA GLN A 709 -29.09 -22.30 -33.71
C GLN A 709 -28.58 -21.25 -32.74
N PHE A 710 -28.47 -21.60 -31.45
CA PHE A 710 -27.74 -20.76 -30.51
C PHE A 710 -26.25 -20.75 -30.84
N GLN A 711 -25.70 -21.93 -31.15
CA GLN A 711 -24.28 -22.06 -31.48
C GLN A 711 -23.94 -21.42 -32.82
N LYS A 712 -24.94 -21.04 -33.62
CA LYS A 712 -24.69 -20.32 -34.86
C LYS A 712 -23.91 -19.02 -34.62
N GLU A 713 -24.15 -18.36 -33.49
CA GLU A 713 -23.42 -17.15 -33.15
C GLU A 713 -22.02 -17.48 -32.66
N ILE A 732 -28.62 -11.00 -28.17
CA ILE A 732 -27.31 -11.41 -27.67
C ILE A 732 -27.48 -12.20 -26.37
N THR A 733 -27.29 -11.52 -25.24
CA THR A 733 -27.45 -12.15 -23.95
C THR A 733 -28.91 -12.42 -23.62
N LYS A 734 -29.84 -11.68 -24.23
CA LYS A 734 -31.25 -11.82 -23.91
C LYS A 734 -31.79 -13.17 -24.35
N TYR A 735 -31.28 -13.72 -25.45
CA TYR A 735 -31.81 -14.97 -25.96
C TYR A 735 -31.37 -16.16 -25.12
N LEU A 736 -30.30 -16.00 -24.34
CA LEU A 736 -29.78 -17.11 -23.53
C LEU A 736 -30.79 -17.52 -22.46
N GLU A 737 -31.44 -16.55 -21.83
CA GLU A 737 -32.39 -16.81 -20.75
C GLU A 737 -33.78 -16.49 -21.26
N HIS A 738 -34.64 -17.51 -21.33
CA HIS A 738 -36.03 -17.34 -21.74
C HIS A 738 -37.00 -17.65 -20.61
N ASP A 739 -36.93 -18.86 -20.06
CA ASP A 739 -37.84 -19.27 -18.98
C ASP A 739 -37.20 -20.47 -18.28
N LEU A 740 -36.85 -20.30 -17.01
CA LEU A 740 -36.16 -21.31 -16.24
C LEU A 740 -37.14 -21.99 -15.28
N GLU A 741 -36.61 -22.84 -14.41
CA GLU A 741 -37.38 -23.37 -13.29
C GLU A 741 -36.48 -23.46 -12.08
N LEU A 742 -37.01 -23.06 -10.93
CA LEU A 742 -36.25 -23.00 -9.69
C LEU A 742 -35.91 -24.40 -9.21
N LEU A 743 -34.65 -24.62 -8.80
CA LEU A 743 -34.31 -25.90 -8.19
C LEU A 743 -34.26 -25.76 -6.68
N GLY A 744 -33.47 -24.82 -6.19
CA GLY A 744 -33.34 -24.61 -4.76
C GLY A 744 -32.31 -23.54 -4.46
N LEU A 745 -31.87 -23.52 -3.21
CA LEU A 745 -30.86 -22.56 -2.79
C LEU A 745 -30.07 -23.17 -1.64
N THR A 746 -28.86 -22.65 -1.43
CA THR A 746 -27.95 -23.20 -0.45
C THR A 746 -27.47 -22.08 0.47
N GLY A 747 -27.05 -22.48 1.67
CA GLY A 747 -26.50 -21.55 2.63
C GLY A 747 -25.13 -21.95 3.10
N VAL A 748 -24.13 -21.10 2.86
CA VAL A 748 -22.75 -21.34 3.24
C VAL A 748 -22.33 -20.28 4.26
N GLU A 749 -21.68 -20.72 5.32
CA GLU A 749 -21.11 -19.83 6.32
C GLU A 749 -19.60 -19.83 6.22
N ASP A 750 -19.00 -18.83 6.86
CA ASP A 750 -17.55 -18.68 6.92
C ASP A 750 -17.12 -18.48 8.36
N LYS A 751 -16.00 -19.09 8.71
CA LYS A 751 -15.41 -18.93 10.04
C LYS A 751 -14.62 -17.62 10.06
N LEU A 752 -14.93 -16.76 11.03
CA LEU A 752 -14.32 -15.44 11.08
C LEU A 752 -12.84 -15.52 11.42
N GLN A 753 -12.15 -14.39 11.22
CA GLN A 753 -10.70 -14.31 11.33
C GLN A 753 -10.25 -14.64 12.75
N LYS A 754 -9.01 -15.10 12.88
CA LYS A 754 -8.47 -15.50 14.17
C LYS A 754 -8.38 -14.30 15.10
N ASP A 755 -9.07 -14.38 16.23
CA ASP A 755 -9.03 -13.37 17.30
C ASP A 755 -9.52 -12.00 16.82
N VAL A 756 -10.69 -11.96 16.18
CA VAL A 756 -11.30 -10.68 15.82
C VAL A 756 -11.71 -9.91 17.07
N LYS A 757 -12.33 -10.58 18.03
CA LYS A 757 -12.91 -9.89 19.18
C LYS A 757 -11.84 -9.17 20.00
N SER A 758 -10.68 -9.82 20.19
CA SER A 758 -9.60 -9.17 20.90
C SER A 758 -9.08 -7.97 20.13
N SER A 759 -8.95 -8.08 18.81
CA SER A 759 -8.49 -6.97 17.99
C SER A 759 -9.44 -5.79 18.11
N ILE A 760 -10.74 -6.04 17.98
CA ILE A 760 -11.74 -4.97 18.01
C ILE A 760 -11.80 -4.32 19.38
N GLU A 761 -11.70 -5.11 20.45
CA GLU A 761 -11.74 -4.52 21.79
C GLU A 761 -10.50 -3.71 22.06
N LEU A 762 -9.35 -4.14 21.53
CA LEU A 762 -8.16 -3.30 21.62
C LEU A 762 -8.33 -2.02 20.82
N LEU A 763 -9.07 -2.09 19.70
CA LEU A 763 -9.29 -0.90 18.90
C LEU A 763 -10.13 0.14 19.64
N ARG A 764 -11.26 -0.26 20.21
CA ARG A 764 -12.06 0.78 20.85
C ARG A 764 -11.67 1.03 22.30
N ASN A 765 -10.76 0.24 22.86
CA ASN A 765 -10.04 0.72 24.04
C ASN A 765 -8.83 1.57 23.66
N ALA A 766 -8.49 1.64 22.37
CA ALA A 766 -7.56 2.62 21.87
C ALA A 766 -8.26 3.87 21.37
N GLY A 767 -9.59 3.88 21.37
CA GLY A 767 -10.36 5.03 20.95
C GLY A 767 -10.46 5.23 19.45
N ILE A 768 -9.91 4.32 18.66
CA ILE A 768 -9.87 4.51 17.22
C ILE A 768 -11.20 4.06 16.62
N LYS A 769 -11.61 4.71 15.54
CA LYS A 769 -12.94 4.53 14.98
C LYS A 769 -12.87 3.61 13.77
N ILE A 770 -13.85 2.73 13.63
CA ILE A 770 -13.87 1.71 12.58
C ILE A 770 -15.22 1.76 11.87
N TRP A 771 -15.19 1.79 10.54
CA TRP A 771 -16.39 1.67 9.73
C TRP A 771 -16.41 0.29 9.06
N MET A 772 -17.43 0.07 8.24
CA MET A 772 -17.56 -1.21 7.53
C MET A 772 -18.29 -0.95 6.21
N LEU A 773 -17.54 -0.93 5.12
CA LEU A 773 -18.09 -0.72 3.79
C LEU A 773 -17.80 -1.93 2.93
N THR A 774 -18.85 -2.62 2.50
CA THR A 774 -18.74 -3.80 1.65
C THR A 774 -20.06 -3.96 0.90
N GLY A 775 -19.98 -4.45 -0.33
CA GLY A 775 -21.13 -4.62 -1.18
C GLY A 775 -22.03 -5.80 -0.86
N ASP A 776 -21.99 -6.31 0.36
CA ASP A 776 -22.81 -7.45 0.73
C ASP A 776 -24.24 -7.02 1.00
N LYS A 777 -25.06 -7.96 1.45
CA LYS A 777 -26.45 -7.68 1.77
C LYS A 777 -26.55 -7.16 3.21
N VAL A 778 -27.65 -6.46 3.49
CA VAL A 778 -27.76 -5.75 4.77
C VAL A 778 -27.90 -6.73 5.93
N GLU A 779 -28.69 -7.79 5.73
CA GLU A 779 -28.92 -8.75 6.81
C GLU A 779 -27.67 -9.54 7.14
N THR A 780 -26.96 -10.04 6.12
CA THR A 780 -25.72 -10.75 6.40
C THR A 780 -24.68 -9.82 6.99
N ALA A 781 -24.72 -8.53 6.62
CA ALA A 781 -23.78 -7.56 7.19
C ALA A 781 -24.04 -7.38 8.68
N ARG A 782 -25.30 -7.17 9.08
CA ARG A 782 -25.57 -6.98 10.49
C ARG A 782 -25.30 -8.26 11.27
N CYS A 783 -25.58 -9.43 10.67
CA CYS A 783 -25.29 -10.69 11.36
C CYS A 783 -23.80 -10.88 11.57
N VAL A 784 -22.98 -10.62 10.55
CA VAL A 784 -21.54 -10.83 10.73
C VAL A 784 -20.94 -9.80 11.66
N SER A 785 -21.49 -8.58 11.68
CA SER A 785 -20.99 -7.59 12.62
C SER A 785 -21.36 -7.96 14.05
N ILE A 786 -22.55 -8.56 14.24
CA ILE A 786 -22.93 -9.03 15.56
C ILE A 786 -22.02 -10.18 15.99
N SER A 787 -21.79 -11.15 15.10
CA SER A 787 -20.96 -12.29 15.45
C SER A 787 -19.49 -11.90 15.63
N ALA A 788 -19.05 -10.85 14.94
CA ALA A 788 -17.70 -10.35 15.15
C ALA A 788 -17.61 -9.41 16.35
N LYS A 789 -18.71 -9.23 17.08
CA LYS A 789 -18.76 -8.37 18.26
C LYS A 789 -18.39 -6.93 17.92
N LEU A 790 -18.72 -6.49 16.70
CA LEU A 790 -18.51 -5.11 16.33
C LEU A 790 -19.44 -4.17 17.07
N ILE A 791 -20.53 -4.68 17.63
CA ILE A 791 -21.51 -3.89 18.35
C ILE A 791 -21.66 -4.48 19.74
N SER A 792 -21.51 -3.64 20.77
CA SER A 792 -21.64 -4.06 22.15
C SER A 792 -23.13 -4.12 22.52
N ARG A 793 -23.41 -4.24 23.81
CA ARG A 793 -24.79 -4.26 24.28
C ARG A 793 -25.45 -2.90 24.04
N GLY A 794 -26.75 -2.93 23.78
CA GLY A 794 -27.43 -1.71 23.38
C GLY A 794 -27.03 -1.35 21.97
N GLN A 795 -26.70 -0.06 21.78
CA GLN A 795 -26.19 0.47 20.51
C GLN A 795 -27.17 0.18 19.36
N TYR A 796 -28.30 0.87 19.45
CA TYR A 796 -29.39 0.70 18.49
C TYR A 796 -28.92 0.91 17.06
N VAL A 797 -29.40 0.04 16.17
CA VAL A 797 -28.99 0.00 14.77
C VAL A 797 -30.11 0.58 13.93
N HIS A 798 -29.77 1.51 13.06
CA HIS A 798 -30.71 2.11 12.12
C HIS A 798 -30.29 1.80 10.69
N THR A 799 -31.28 1.73 9.80
CA THR A 799 -31.03 1.37 8.41
C THR A 799 -31.59 2.46 7.51
N ILE A 800 -31.01 2.58 6.32
CA ILE A 800 -31.36 3.61 5.36
C ILE A 800 -31.69 2.95 4.03
N THR A 801 -32.82 3.33 3.43
CA THR A 801 -33.22 2.85 2.12
C THR A 801 -33.96 3.97 1.40
N LYS A 802 -33.41 4.45 0.29
CA LYS A 802 -33.99 5.56 -0.44
C LYS A 802 -33.60 5.46 -1.91
N VAL A 803 -34.33 6.19 -2.74
CA VAL A 803 -34.05 6.26 -4.17
C VAL A 803 -32.71 6.94 -4.41
N ALA A 822 -24.76 4.81 19.09
CA ALA A 822 -25.66 3.93 18.38
C ALA A 822 -25.00 3.35 17.12
N CYS A 823 -25.82 2.85 16.20
CA CYS A 823 -25.33 2.26 14.96
C CYS A 823 -26.23 2.69 13.82
N LEU A 824 -25.66 2.70 12.61
CA LEU A 824 -26.38 3.10 11.41
C LEU A 824 -25.90 2.27 10.23
N LEU A 825 -26.84 1.84 9.40
CA LEU A 825 -26.55 1.17 8.14
C LEU A 825 -27.15 1.98 7.00
N ILE A 826 -26.43 2.06 5.90
CA ILE A 826 -26.88 2.80 4.71
C ILE A 826 -26.50 2.00 3.47
N ASP A 827 -27.42 1.94 2.51
CA ASP A 827 -27.13 1.26 1.26
C ASP A 827 -26.24 2.13 0.37
N GLY A 828 -25.67 1.52 -0.66
CA GLY A 828 -24.76 2.22 -1.56
C GLY A 828 -25.39 3.35 -2.34
N GLU A 829 -26.61 3.13 -2.85
CA GLU A 829 -27.32 4.19 -3.56
C GLU A 829 -27.63 5.35 -2.63
N SER A 830 -28.13 5.04 -1.43
CA SER A 830 -28.38 6.09 -0.45
C SER A 830 -27.09 6.73 0.04
N LEU A 831 -25.99 5.96 0.09
CA LEU A 831 -24.70 6.55 0.43
C LEU A 831 -24.27 7.56 -0.61
N GLY A 832 -24.45 7.22 -1.90
CA GLY A 832 -24.12 8.16 -2.95
C GLY A 832 -25.01 9.38 -2.97
N MET A 833 -26.30 9.19 -2.68
CA MET A 833 -27.22 10.34 -2.61
C MET A 833 -26.90 11.23 -1.43
N PHE A 834 -26.50 10.66 -0.30
CA PHE A 834 -26.07 11.47 0.84
C PHE A 834 -24.69 12.06 0.64
N LEU A 835 -23.86 11.44 -0.20
CA LEU A 835 -22.61 12.05 -0.64
C LEU A 835 -22.79 12.87 -1.91
N LYS A 836 -24.01 12.89 -2.44
CA LYS A 836 -24.30 13.64 -3.65
C LYS A 836 -24.50 15.13 -3.35
N HIS A 837 -25.68 15.48 -2.87
CA HIS A 837 -25.99 16.86 -2.54
C HIS A 837 -25.86 17.11 -1.03
N TYR A 838 -26.56 16.31 -0.24
CA TYR A 838 -26.52 16.44 1.21
C TYR A 838 -25.18 15.99 1.77
N GLU A 839 -24.09 16.47 1.15
CA GLU A 839 -22.74 16.10 1.59
C GLU A 839 -22.41 16.47 3.03
N GLN A 840 -22.41 17.76 3.35
CA GLN A 840 -21.73 18.25 4.55
C GLN A 840 -22.44 17.80 5.82
N GLU A 841 -23.78 17.81 5.82
CA GLU A 841 -24.49 17.34 7.01
C GLU A 841 -24.31 15.85 7.20
N PHE A 842 -24.24 15.08 6.12
CA PHE A 842 -23.95 13.66 6.22
C PHE A 842 -22.56 13.42 6.81
N PHE A 843 -21.58 14.19 6.36
CA PHE A 843 -20.24 14.09 6.91
C PHE A 843 -20.24 14.43 8.40
N ASP A 844 -21.00 15.46 8.78
CA ASP A 844 -21.07 15.86 10.17
C ASP A 844 -21.72 14.79 11.02
N VAL A 845 -22.71 14.07 10.48
CA VAL A 845 -23.33 12.98 11.23
C VAL A 845 -22.36 11.81 11.39
N VAL A 846 -21.69 11.43 10.30
CA VAL A 846 -20.93 10.17 10.34
C VAL A 846 -19.66 10.26 11.18
N VAL A 847 -19.13 11.45 11.44
CA VAL A 847 -17.87 11.54 12.17
C VAL A 847 -18.06 11.21 13.64
N HIS A 848 -19.18 11.60 14.24
CA HIS A 848 -19.41 11.39 15.65
C HIS A 848 -19.94 10.00 15.98
N LEU A 849 -20.45 9.28 14.99
CA LEU A 849 -21.02 7.95 15.23
C LEU A 849 -19.91 6.93 15.39
N PRO A 850 -19.93 6.10 16.45
CA PRO A 850 -18.82 5.16 16.67
C PRO A 850 -18.58 4.17 15.54
N THR A 851 -19.62 3.68 14.88
CA THR A 851 -19.46 2.71 13.80
C THR A 851 -20.41 3.03 12.66
N VAL A 852 -19.95 2.80 11.44
CA VAL A 852 -20.72 3.07 10.23
C VAL A 852 -20.69 1.82 9.35
N ILE A 853 -21.86 1.39 8.89
CA ILE A 853 -22.00 0.18 8.09
C ILE A 853 -22.64 0.57 6.77
N ALA A 854 -22.04 0.11 5.66
CA ALA A 854 -22.54 0.39 4.33
C ALA A 854 -22.63 -0.90 3.52
N CYS A 855 -23.60 -0.93 2.60
CA CYS A 855 -23.87 -2.10 1.80
C CYS A 855 -24.05 -1.71 0.33
N ARG A 856 -23.80 -2.69 -0.54
CA ARG A 856 -23.99 -2.55 -1.98
C ARG A 856 -23.16 -1.41 -2.57
N CYS A 857 -21.85 -1.49 -2.39
CA CYS A 857 -20.94 -0.43 -2.79
C CYS A 857 -19.98 -0.94 -3.87
N THR A 858 -20.04 -0.34 -5.05
CA THR A 858 -18.99 -0.50 -6.04
C THR A 858 -17.85 0.48 -5.72
N PRO A 859 -16.60 0.15 -6.07
CA PRO A 859 -15.44 0.87 -5.48
C PRO A 859 -15.41 2.38 -5.67
N GLN A 860 -16.14 2.92 -6.65
CA GLN A 860 -16.11 4.37 -6.87
C GLN A 860 -16.61 5.13 -5.64
N GLN A 861 -17.70 4.68 -5.03
CA GLN A 861 -18.17 5.36 -3.82
C GLN A 861 -17.21 5.15 -2.66
N LYS A 862 -16.49 4.03 -2.62
CA LYS A 862 -15.46 3.86 -1.60
C LYS A 862 -14.36 4.90 -1.73
N ALA A 863 -13.89 5.12 -2.96
CA ALA A 863 -12.89 6.15 -3.21
C ALA A 863 -13.43 7.53 -2.87
N ASP A 864 -14.70 7.78 -3.21
CA ASP A 864 -15.31 9.06 -2.88
C ASP A 864 -15.43 9.26 -1.37
N VAL A 865 -15.78 8.21 -0.62
CA VAL A 865 -15.82 8.28 0.84
C VAL A 865 -14.46 8.68 1.38
N ALA A 866 -13.42 7.99 0.89
CA ALA A 866 -12.06 8.31 1.36
C ALA A 866 -11.68 9.75 1.06
N LEU A 867 -11.98 10.20 -0.16
CA LEU A 867 -11.64 11.56 -0.58
C LEU A 867 -12.38 12.60 0.25
N VAL A 868 -13.69 12.44 0.42
CA VAL A 868 -14.45 13.45 1.17
C VAL A 868 -14.09 13.43 2.65
N ILE A 869 -13.76 12.28 3.22
CA ILE A 869 -13.32 12.25 4.61
C ILE A 869 -11.99 12.98 4.75
N ARG A 870 -11.02 12.66 3.91
CA ARG A 870 -9.70 13.27 4.05
C ARG A 870 -9.74 14.75 3.70
N LYS A 871 -10.73 15.18 2.93
CA LYS A 871 -10.78 16.58 2.51
C LYS A 871 -11.61 17.43 3.48
N MET A 872 -12.58 16.82 4.17
CA MET A 872 -13.44 17.53 5.12
C MET A 872 -12.94 17.47 6.56
N THR A 873 -11.94 16.65 6.90
CA THR A 873 -11.39 16.70 8.24
C THR A 873 -9.87 16.82 8.29
N GLY A 874 -9.17 16.50 7.20
CA GLY A 874 -7.73 16.69 7.15
C GLY A 874 -6.94 15.72 8.03
N LYS A 875 -7.60 14.69 8.53
CA LYS A 875 -6.94 13.71 9.37
C LYS A 875 -6.49 12.51 8.53
N ARG A 876 -5.66 11.66 9.14
CA ARG A 876 -5.10 10.51 8.47
C ARG A 876 -5.90 9.27 8.81
N VAL A 877 -6.33 8.55 7.78
CA VAL A 877 -7.19 7.37 7.92
C VAL A 877 -6.43 6.17 7.37
N CYS A 878 -6.84 4.97 7.81
CA CYS A 878 -6.29 3.74 7.27
C CYS A 878 -7.36 3.00 6.50
N CYS A 879 -7.01 2.56 5.29
CA CYS A 879 -7.94 1.89 4.39
C CYS A 879 -7.27 0.59 3.93
N ILE A 880 -7.71 -0.52 4.51
CA ILE A 880 -7.14 -1.83 4.23
C ILE A 880 -8.14 -2.66 3.41
N GLY A 881 -7.62 -3.35 2.40
CA GLY A 881 -8.47 -4.15 1.55
C GLY A 881 -7.65 -5.16 0.76
N ASP A 882 -8.37 -5.98 0.00
CA ASP A 882 -7.71 -7.02 -0.80
C ASP A 882 -8.60 -7.42 -1.97
N GLY A 883 -7.97 -7.88 -3.05
CA GLY A 883 -8.68 -8.30 -4.22
C GLY A 883 -8.92 -7.14 -5.19
N GLY A 884 -9.41 -7.49 -6.37
CA GLY A 884 -9.73 -6.48 -7.37
C GLY A 884 -10.98 -5.68 -7.07
N ASN A 885 -11.76 -6.12 -6.08
CA ASN A 885 -13.03 -5.46 -5.80
C ASN A 885 -12.84 -4.20 -4.96
N ASP A 886 -11.60 -3.92 -4.53
CA ASP A 886 -11.34 -2.72 -3.73
C ASP A 886 -10.00 -2.07 -4.09
N VAL A 887 -9.67 -2.01 -5.38
CA VAL A 887 -8.36 -1.49 -5.78
C VAL A 887 -8.25 0.00 -5.52
N SER A 888 -9.37 0.72 -5.64
CA SER A 888 -9.31 2.18 -5.55
C SER A 888 -9.05 2.65 -4.13
N MET A 889 -9.55 1.91 -3.14
CA MET A 889 -9.50 2.40 -1.77
C MET A 889 -8.12 2.25 -1.13
N ILE A 890 -7.16 1.63 -1.82
CA ILE A 890 -5.77 1.74 -1.39
C ILE A 890 -5.09 2.92 -2.10
N GLN A 891 -5.26 3.02 -3.42
CA GLN A 891 -4.54 4.01 -4.19
C GLN A 891 -4.95 5.43 -3.82
N CYS A 892 -6.11 5.60 -3.22
CA CYS A 892 -6.54 6.90 -2.70
C CYS A 892 -6.38 6.99 -1.19
N ALA A 893 -5.77 6.00 -0.55
CA ALA A 893 -5.65 5.99 0.89
C ALA A 893 -4.37 6.66 1.36
N ASP A 894 -4.37 7.12 2.62
CA ASP A 894 -3.15 7.60 3.24
C ASP A 894 -2.13 6.46 3.37
N VAL A 895 -2.59 5.30 3.82
CA VAL A 895 -1.76 4.10 3.91
C VAL A 895 -2.57 2.93 3.35
N GLY A 896 -1.88 2.04 2.65
CA GLY A 896 -2.52 0.84 2.13
C GLY A 896 -1.82 -0.41 2.60
N VAL A 897 -2.58 -1.36 3.14
CA VAL A 897 -2.01 -2.58 3.71
C VAL A 897 -2.48 -3.76 2.89
N GLY A 898 -1.55 -4.65 2.55
CA GLY A 898 -1.83 -5.79 1.71
C GLY A 898 -2.14 -7.02 2.54
N ILE A 899 -2.93 -7.92 1.95
CA ILE A 899 -3.38 -9.13 2.62
C ILE A 899 -2.84 -10.32 1.83
N VAL A 900 -2.22 -11.26 2.53
CA VAL A 900 -1.62 -12.43 1.90
C VAL A 900 -2.27 -13.70 2.46
N GLY A 901 -2.54 -14.64 1.57
CA GLY A 901 -3.20 -15.88 1.96
C GLY A 901 -4.53 -16.06 1.27
N LYS A 902 -4.88 -15.12 0.40
CA LYS A 902 -6.14 -15.13 -0.33
C LYS A 902 -5.80 -15.03 -1.81
N GLU A 903 -6.73 -15.51 -2.65
CA GLU A 903 -6.50 -15.62 -4.09
C GLU A 903 -6.14 -14.28 -4.73
N GLY A 904 -6.83 -13.21 -4.34
CA GLY A 904 -6.50 -11.89 -4.82
C GLY A 904 -5.15 -11.41 -4.32
N LYS A 905 -4.30 -10.95 -5.24
CA LYS A 905 -2.97 -10.48 -4.88
C LYS A 905 -2.56 -9.17 -5.56
N GLN A 906 -3.29 -8.69 -6.57
CA GLN A 906 -2.90 -7.45 -7.24
C GLN A 906 -3.00 -6.26 -6.30
N ALA A 907 -4.05 -6.20 -5.48
CA ALA A 907 -4.23 -5.09 -4.56
C ALA A 907 -3.12 -5.08 -3.50
N SER A 908 -2.73 -6.27 -3.02
CA SER A 908 -1.68 -6.34 -2.00
C SER A 908 -0.35 -5.86 -2.53
N LEU A 909 0.02 -6.24 -3.75
CA LEU A 909 1.27 -5.78 -4.33
C LEU A 909 1.18 -4.31 -4.72
N ALA A 910 -0.01 -3.84 -5.05
CA ALA A 910 -0.23 -2.43 -5.37
C ALA A 910 -0.45 -1.58 -4.12
N ALA A 911 -0.36 -2.18 -2.94
CA ALA A 911 -0.58 -1.46 -1.68
C ALA A 911 0.72 -0.79 -1.23
N ASP A 912 0.74 -0.33 0.01
CA ASP A 912 1.91 0.27 0.62
C ASP A 912 2.48 -0.57 1.75
N PHE A 913 1.64 -1.30 2.46
CA PHE A 913 2.04 -2.19 3.55
C PHE A 913 1.53 -3.60 3.25
N SER A 914 1.93 -4.54 4.11
CA SER A 914 1.53 -5.94 3.94
C SER A 914 1.53 -6.63 5.29
N ILE A 915 0.40 -7.25 5.64
CA ILE A 915 0.26 -8.02 6.86
C ILE A 915 -0.32 -9.38 6.49
N THR A 916 -0.21 -10.32 7.43
CA THR A 916 -0.65 -11.69 7.15
C THR A 916 -2.16 -11.79 6.89
N GLN A 917 -3.02 -11.64 7.90
CA GLN A 917 -4.44 -11.40 7.64
C GLN A 917 -4.94 -10.12 8.30
N PHE A 918 -4.89 -9.99 9.63
CA PHE A 918 -5.31 -8.75 10.25
C PHE A 918 -4.43 -8.38 11.45
N CYS A 919 -3.79 -9.38 12.04
CA CYS A 919 -3.24 -9.23 13.39
C CYS A 919 -2.10 -8.24 13.44
N HIS A 920 -1.16 -8.34 12.49
CA HIS A 920 0.07 -7.56 12.53
C HIS A 920 -0.21 -6.06 12.59
N LEU A 921 -1.16 -5.60 11.77
CA LEU A 921 -1.54 -4.19 11.72
C LEU A 921 -1.85 -3.66 13.10
N THR A 922 -2.53 -4.47 13.92
CA THR A 922 -2.79 -4.10 15.31
C THR A 922 -1.50 -3.72 16.02
N GLU A 923 -0.56 -4.66 16.12
CA GLU A 923 0.70 -4.35 16.76
C GLU A 923 1.51 -3.35 15.94
N LEU A 924 1.19 -3.22 14.64
CA LEU A 924 1.85 -2.21 13.83
C LEU A 924 1.37 -0.82 14.20
N LEU A 925 0.11 -0.70 14.65
CA LEU A 925 -0.44 0.61 14.98
C LEU A 925 -0.19 0.99 16.43
N LEU A 926 -0.35 0.05 17.36
CA LEU A 926 -0.18 0.37 18.77
C LEU A 926 1.29 0.55 19.13
N TRP A 927 2.08 -0.51 18.98
CA TRP A 927 3.45 -0.51 19.51
C TRP A 927 4.47 0.12 18.56
N HIS A 928 4.15 0.28 17.28
CA HIS A 928 5.13 0.77 16.32
C HIS A 928 4.86 2.19 15.86
N GLY A 929 3.62 2.51 15.48
CA GLY A 929 3.32 3.86 15.06
C GLY A 929 3.46 4.87 16.19
N ARG A 930 3.00 4.51 17.38
CA ARG A 930 3.11 5.39 18.54
C ARG A 930 4.57 5.66 18.89
N ASN A 931 5.38 4.60 18.94
CA ASN A 931 6.80 4.79 19.23
C ASN A 931 7.48 5.60 18.16
N SER A 932 7.12 5.36 16.90
CA SER A 932 7.67 6.14 15.79
C SER A 932 7.36 7.63 15.97
N TYR A 933 6.12 7.94 16.28
CA TYR A 933 5.72 9.34 16.47
C TYR A 933 6.45 9.96 17.65
N LYS A 934 6.56 9.22 18.75
CA LYS A 934 7.24 9.75 19.94
C LYS A 934 8.71 10.04 19.66
N ARG A 935 9.40 9.11 19.00
CA ARG A 935 10.82 9.32 18.74
C ARG A 935 11.04 10.41 17.71
N SER A 936 10.15 10.54 16.72
CA SER A 936 10.26 11.65 15.78
C SER A 936 10.04 12.98 16.49
N ALA A 937 9.08 13.03 17.42
CA ALA A 937 8.85 14.24 18.20
C ALA A 937 10.07 14.61 19.03
N LYS A 938 10.67 13.62 19.68
CA LYS A 938 11.90 13.88 20.44
C LYS A 938 13.03 14.33 19.53
N LEU A 939 13.14 13.76 18.33
CA LEU A 939 14.16 14.18 17.38
C LEU A 939 14.02 15.65 17.02
N ALA A 940 12.79 16.06 16.65
CA ALA A 940 12.55 17.46 16.31
C ALA A 940 12.80 18.38 17.51
N GLN A 941 12.31 17.98 18.69
CA GLN A 941 12.51 18.76 19.89
C GLN A 941 13.99 18.99 20.14
N PHE A 942 14.78 17.93 20.05
CA PHE A 942 16.21 18.04 20.35
C PHE A 942 16.96 18.84 19.30
N VAL A 943 16.59 18.71 18.02
CA VAL A 943 17.34 19.42 16.98
C VAL A 943 17.08 20.92 17.05
N MET A 944 15.81 21.33 17.17
CA MET A 944 15.58 22.76 17.39
C MET A 944 16.11 23.21 18.75
N HIS A 945 16.16 22.30 19.72
CA HIS A 945 16.67 22.62 21.04
C HIS A 945 18.13 23.08 20.97
N ARG A 946 19.01 22.23 20.43
CA ARG A 946 20.42 22.62 20.49
C ARG A 946 20.72 23.70 19.46
N GLY A 947 19.96 23.73 18.35
CA GLY A 947 20.14 24.83 17.40
C GLY A 947 19.83 26.18 18.02
N LEU A 948 18.70 26.26 18.74
CA LEU A 948 18.37 27.50 19.41
C LEU A 948 19.35 27.83 20.53
N ILE A 949 19.85 26.80 21.24
CA ILE A 949 20.82 27.07 22.30
C ILE A 949 22.08 27.71 21.73
N ILE A 950 22.65 27.12 20.68
CA ILE A 950 23.88 27.66 20.15
C ILE A 950 23.63 29.04 19.53
N ALA A 951 22.46 29.23 18.89
CA ALA A 951 22.12 30.52 18.30
C ALA A 951 22.05 31.61 19.37
N ILE A 952 21.39 31.31 20.49
CA ILE A 952 21.32 32.26 21.59
C ILE A 952 22.71 32.49 22.19
N CYS A 953 23.58 31.48 22.09
CA CYS A 953 24.96 31.69 22.56
C CYS A 953 25.66 32.77 21.73
N GLN A 954 25.53 32.71 20.42
CA GLN A 954 26.12 33.72 19.55
C GLN A 954 25.45 35.08 19.76
N ALA A 955 24.15 35.05 20.06
CA ALA A 955 23.39 36.28 20.29
C ALA A 955 23.86 36.99 21.56
N VAL A 956 24.03 36.25 22.64
CA VAL A 956 24.50 36.83 23.89
C VAL A 956 25.95 37.28 23.75
N TYR A 957 26.74 36.54 22.95
CA TYR A 957 28.10 37.00 22.66
C TYR A 957 28.09 38.35 21.95
N SER A 958 27.18 38.53 20.99
CA SER A 958 27.08 39.80 20.28
C SER A 958 26.62 40.91 21.20
N ILE A 959 25.72 40.60 22.15
CA ILE A 959 25.32 41.59 23.14
C ILE A 959 26.50 41.98 24.03
N CYS A 960 27.29 41.00 24.47
CA CYS A 960 28.42 41.30 25.35
C CYS A 960 29.63 41.83 24.58
N SER A 961 29.65 41.65 23.26
CA SER A 961 30.75 42.16 22.43
C SER A 961 30.14 42.58 21.10
N LEU A 962 30.02 43.89 20.90
CA LEU A 962 29.34 44.45 19.75
C LEU A 962 30.18 44.43 18.47
N PHE A 963 31.30 43.70 18.46
CA PHE A 963 32.11 43.60 17.26
C PHE A 963 31.34 42.92 16.15
N GLU A 964 31.05 41.63 16.32
CA GLU A 964 30.31 40.81 15.38
C GLU A 964 29.87 39.55 16.09
N PRO A 965 28.75 38.95 15.68
CA PRO A 965 28.40 37.62 16.22
C PRO A 965 29.20 36.52 15.56
N ILE A 966 29.84 36.85 14.44
CA ILE A 966 30.66 35.88 13.72
C ILE A 966 31.87 35.49 14.55
N ALA A 967 32.41 36.45 15.33
CA ALA A 967 33.69 36.28 15.99
C ALA A 967 33.71 35.15 17.02
N LEU A 968 32.55 34.66 17.45
CA LEU A 968 32.52 33.61 18.44
C LEU A 968 32.86 32.25 17.83
N TYR A 969 32.06 31.80 16.87
CA TYR A 969 32.23 30.46 16.30
C TYR A 969 32.36 30.53 14.79
N GLN A 970 33.42 29.92 14.27
CA GLN A 970 33.60 29.74 12.84
C GLN A 970 34.21 28.37 12.60
N GLY A 971 34.46 28.06 11.33
CA GLY A 971 35.35 26.97 10.98
C GLY A 971 34.84 25.60 11.35
N TRP A 972 35.76 24.75 11.80
CA TRP A 972 35.46 23.34 11.99
C TRP A 972 34.59 23.10 13.21
N LEU A 973 34.54 24.07 14.13
CA LEU A 973 33.81 23.88 15.38
C LEU A 973 32.32 23.71 15.11
N MET A 974 31.73 24.63 14.36
CA MET A 974 30.29 24.54 14.08
C MET A 974 30.00 23.37 13.15
N VAL A 975 30.92 23.04 12.25
CA VAL A 975 30.74 21.88 11.38
C VAL A 975 30.64 20.60 12.20
N GLY A 976 31.60 20.42 13.10
CA GLY A 976 31.61 19.22 13.92
C GLY A 976 30.44 19.17 14.88
N TYR A 977 30.04 20.31 15.42
CA TYR A 977 28.87 20.32 16.29
C TYR A 977 27.60 19.98 15.52
N ALA A 978 27.50 20.45 14.28
CA ALA A 978 26.34 20.14 13.47
C ALA A 978 26.31 18.67 13.08
N THR A 979 27.47 18.07 12.84
CA THR A 979 27.52 16.73 12.26
C THR A 979 28.06 15.68 13.23
N CYS A 980 29.27 15.84 13.75
CA CYS A 980 29.90 14.71 14.42
C CYS A 980 29.55 14.61 15.90
N TYR A 981 29.30 15.73 16.57
CA TYR A 981 29.18 15.73 18.02
C TYR A 981 27.77 15.48 18.54
N THR A 982 26.77 15.48 17.66
CA THR A 982 25.40 15.47 18.17
C THR A 982 24.51 14.39 17.55
N MET A 983 24.84 13.88 16.36
CA MET A 983 23.93 12.97 15.68
C MET A 983 23.83 11.62 16.37
N ALA A 984 24.93 11.13 16.94
CA ALA A 984 24.90 9.83 17.59
C ALA A 984 23.92 9.75 18.76
N PRO A 985 23.84 10.74 19.67
CA PRO A 985 22.74 10.69 20.65
C PRO A 985 21.35 10.73 20.02
N VAL A 986 21.17 11.47 18.92
CA VAL A 986 19.86 11.52 18.27
C VAL A 986 19.47 10.15 17.75
N PHE A 987 20.40 9.46 17.10
CA PHE A 987 20.09 8.13 16.58
C PHE A 987 20.04 7.09 17.69
N SER A 988 20.66 7.36 18.84
CA SER A 988 20.44 6.50 20.00
C SER A 988 19.02 6.65 20.52
N LEU A 989 18.53 7.89 20.63
CA LEU A 989 17.15 8.12 21.01
C LEU A 989 16.18 7.60 19.95
N THR A 990 16.64 7.44 18.71
CA THR A 990 15.79 6.88 17.66
C THR A 990 15.41 5.44 17.97
N LEU A 991 16.23 4.70 18.72
CA LEU A 991 15.95 3.32 19.06
C LEU A 991 15.30 3.15 20.43
N ASP A 992 15.45 4.12 21.32
CA ASP A 992 14.95 3.98 22.68
C ASP A 992 13.42 3.95 22.72
N HIS A 993 12.89 3.13 23.64
CA HIS A 993 11.46 3.04 23.86
C HIS A 993 11.22 2.91 25.36
N ASP A 994 9.95 2.66 25.73
CA ASP A 994 9.56 2.51 27.13
C ASP A 994 8.89 1.18 27.41
N ILE A 995 7.99 0.75 26.52
CA ILE A 995 7.09 -0.37 26.80
C ILE A 995 7.44 -1.54 25.88
N GLU A 996 7.46 -2.73 26.47
CA GLU A 996 7.74 -3.94 25.71
C GLU A 996 6.63 -4.21 24.69
N GLU A 997 7.01 -4.90 23.62
CA GLU A 997 6.05 -5.23 22.57
C GLU A 997 4.97 -6.19 23.06
N SER A 998 5.29 -7.01 24.07
CA SER A 998 4.30 -7.92 24.62
C SER A 998 3.26 -7.19 25.47
N LEU A 999 3.60 -6.00 25.97
CA LEU A 999 2.73 -5.26 26.88
C LEU A 999 1.87 -4.23 26.17
N THR A 1000 1.99 -4.09 24.85
CA THR A 1000 1.20 -3.08 24.15
C THR A 1000 -0.28 -3.45 24.10
N LYS A 1001 -0.59 -4.74 24.25
CA LYS A 1001 -1.98 -5.16 24.23
C LYS A 1001 -2.72 -4.71 25.48
N ILE A 1002 -2.04 -4.71 26.62
CA ILE A 1002 -2.71 -4.42 27.88
C ILE A 1002 -3.11 -2.96 27.96
N TYR A 1003 -2.34 -2.06 27.36
CA TYR A 1003 -2.54 -0.62 27.49
C TYR A 1003 -2.62 0.05 26.12
N PRO A 1004 -3.77 -0.03 25.45
CA PRO A 1004 -3.93 0.74 24.21
C PRO A 1004 -4.36 2.18 24.45
N GLU A 1005 -4.78 2.50 25.67
CA GLU A 1005 -5.40 3.79 25.95
C GLU A 1005 -4.46 4.96 25.70
N LEU A 1006 -3.16 4.70 25.63
CA LEU A 1006 -2.19 5.75 25.37
C LEU A 1006 -2.44 6.41 24.02
N TYR A 1007 -3.16 5.72 23.12
CA TYR A 1007 -3.49 6.34 21.82
C TYR A 1007 -4.26 7.64 22.01
N LYS A 1008 -5.13 7.67 23.02
CA LYS A 1008 -5.93 8.86 23.30
C LYS A 1008 -5.05 10.02 23.78
N GLU A 1009 -3.75 9.80 23.80
CA GLU A 1009 -2.81 10.83 24.24
C GLU A 1009 -2.03 11.40 23.07
N LEU A 1010 -2.30 10.89 21.87
CA LEU A 1010 -1.63 11.35 20.66
C LEU A 1010 -2.60 11.90 19.62
N THR A 1011 -3.91 11.74 19.83
CA THR A 1011 -4.87 12.19 18.83
C THR A 1011 -5.00 13.70 18.78
N GLU A 1012 -4.63 14.39 19.84
CA GLU A 1012 -4.83 15.82 19.94
C GLU A 1012 -3.64 16.61 19.41
N GLY A 1013 -2.45 16.05 19.48
CA GLY A 1013 -1.25 16.76 19.10
C GLY A 1013 -0.63 17.61 20.19
N LYS A 1014 -0.74 17.19 21.46
CA LYS A 1014 -0.18 17.96 22.57
C LYS A 1014 1.34 18.00 22.57
N SER A 1015 1.99 17.16 21.76
CA SER A 1015 3.44 17.19 21.65
C SER A 1015 3.93 18.03 20.48
N LEU A 1016 3.08 18.29 19.48
CA LEU A 1016 3.48 19.07 18.31
C LEU A 1016 2.42 20.15 18.10
N SER A 1017 2.73 21.36 18.58
CA SER A 1017 1.82 22.49 18.41
C SER A 1017 2.61 23.78 18.60
N TYR A 1018 1.90 24.90 18.54
CA TYR A 1018 2.52 26.21 18.76
C TYR A 1018 3.06 26.32 20.18
N LYS A 1019 2.28 25.86 21.16
CA LYS A 1019 2.70 25.98 22.56
C LYS A 1019 3.90 25.08 22.85
N THR A 1020 3.98 23.93 22.18
CA THR A 1020 5.16 23.07 22.34
C THR A 1020 6.40 23.77 21.80
N PHE A 1021 6.27 24.41 20.63
CA PHE A 1021 7.38 25.17 20.06
C PHE A 1021 7.82 26.28 21.00
N PHE A 1022 6.86 27.00 21.57
CA PHE A 1022 7.21 28.08 22.50
C PHE A 1022 7.87 27.53 23.75
N VAL A 1023 7.42 26.38 24.26
CA VAL A 1023 8.01 25.80 25.45
C VAL A 1023 9.47 25.41 25.18
N TRP A 1024 9.71 24.74 24.06
CA TRP A 1024 11.09 24.35 23.74
C TRP A 1024 11.96 25.58 23.50
N VAL A 1025 11.41 26.61 22.86
CA VAL A 1025 12.15 27.84 22.64
C VAL A 1025 12.54 28.47 23.97
N LEU A 1026 11.58 28.54 24.90
CA LEU A 1026 11.84 29.17 26.20
C LEU A 1026 12.86 28.38 27.00
N LEU A 1027 12.78 27.05 26.99
CA LEU A 1027 13.75 26.23 27.70
C LEU A 1027 15.14 26.43 27.12
N SER A 1028 15.24 26.46 25.79
CA SER A 1028 16.53 26.69 25.14
C SER A 1028 17.09 28.06 25.49
N LEU A 1029 16.22 29.09 25.48
CA LEU A 1029 16.62 30.42 25.91
C LEU A 1029 17.21 30.39 27.31
N PHE A 1030 16.50 29.71 28.22
CA PHE A 1030 16.93 29.65 29.62
C PHE A 1030 18.31 29.04 29.75
N GLN A 1031 18.50 27.85 29.16
CA GLN A 1031 19.78 27.15 29.38
C GLN A 1031 20.92 27.85 28.65
N GLY A 1032 20.71 28.25 27.39
CA GLY A 1032 21.76 28.96 26.67
C GLY A 1032 22.14 30.26 27.34
N SER A 1033 21.14 31.00 27.83
CA SER A 1033 21.40 32.26 28.51
C SER A 1033 22.20 32.05 29.79
N VAL A 1034 21.81 31.06 30.61
CA VAL A 1034 22.52 30.88 31.88
C VAL A 1034 23.96 30.43 31.63
N ILE A 1035 24.16 29.51 30.68
CA ILE A 1035 25.52 29.09 30.35
C ILE A 1035 26.36 30.27 29.87
N GLN A 1036 25.85 31.04 28.91
CA GLN A 1036 26.65 32.10 28.33
C GLN A 1036 26.94 33.20 29.33
N LEU A 1037 25.92 33.63 30.09
CA LEU A 1037 26.11 34.72 31.04
C LEU A 1037 27.03 34.31 32.19
N PHE A 1038 26.83 33.11 32.74
CA PHE A 1038 27.69 32.67 33.83
C PHE A 1038 29.12 32.46 33.37
N SER A 1039 29.31 31.92 32.16
CA SER A 1039 30.65 31.78 31.62
C SER A 1039 31.34 33.13 31.47
N GLN A 1040 30.63 34.10 30.85
CA GLN A 1040 31.22 35.41 30.65
C GLN A 1040 31.50 36.12 31.97
N ALA A 1041 30.65 35.90 32.97
CA ALA A 1041 30.86 36.54 34.26
C ALA A 1041 32.05 35.94 34.99
N PHE A 1042 32.14 34.60 35.01
CA PHE A 1042 33.22 33.95 35.75
C PHE A 1042 34.55 34.00 35.02
N THR A 1043 34.56 34.30 33.71
CA THR A 1043 35.78 34.26 32.93
C THR A 1043 36.35 35.63 32.60
N SER A 1044 35.69 36.72 33.00
CA SER A 1044 36.16 38.08 32.81
C SER A 1044 36.41 38.39 31.32
N LEU A 1045 35.29 38.44 30.59
CA LEU A 1045 35.26 38.64 29.14
C LEU A 1045 36.20 39.75 28.68
N LEU A 1046 37.14 39.38 27.82
CA LEU A 1046 38.11 40.31 27.25
C LEU A 1046 38.43 39.83 25.82
N ASP A 1047 39.52 40.35 25.26
CA ASP A 1047 39.98 39.93 23.95
C ASP A 1047 41.22 39.05 24.00
N THR A 1048 41.89 38.97 25.15
CA THR A 1048 43.07 38.14 25.30
C THR A 1048 42.69 36.68 25.60
N ASP A 1049 41.86 36.48 26.62
CA ASP A 1049 41.41 35.15 26.98
C ASP A 1049 40.21 34.69 26.17
N PHE A 1050 39.95 35.30 25.00
CA PHE A 1050 38.79 34.96 24.19
C PHE A 1050 38.76 33.48 23.84
N THR A 1051 39.94 32.90 23.64
CA THR A 1051 40.03 31.46 23.41
C THR A 1051 39.49 30.69 24.60
N ARG A 1052 39.79 31.14 25.81
CA ARG A 1052 39.31 30.44 27.00
C ARG A 1052 37.78 30.50 27.10
N MET A 1053 37.20 31.68 26.86
CA MET A 1053 35.74 31.77 26.90
C MET A 1053 35.08 30.92 25.82
N VAL A 1054 35.58 30.97 24.59
CA VAL A 1054 34.94 30.21 23.53
C VAL A 1054 35.13 28.71 23.75
N ALA A 1055 36.27 28.30 24.30
CA ALA A 1055 36.51 26.88 24.57
C ALA A 1055 35.59 26.37 25.65
N ILE A 1056 35.49 27.11 26.77
CA ILE A 1056 34.62 26.64 27.84
C ILE A 1056 33.16 26.70 27.41
N SER A 1057 32.80 27.65 26.54
CA SER A 1057 31.44 27.71 26.03
C SER A 1057 31.10 26.48 25.19
N PHE A 1058 31.97 26.15 24.23
CA PHE A 1058 31.73 24.98 23.40
C PHE A 1058 31.71 23.70 24.24
N THR A 1059 32.65 23.58 25.18
CA THR A 1059 32.73 22.37 26.00
C THR A 1059 31.48 22.21 26.86
N ALA A 1060 31.09 23.27 27.56
CA ALA A 1060 29.91 23.21 28.41
C ALA A 1060 28.66 22.92 27.60
N LEU A 1061 28.54 23.54 26.43
CA LEU A 1061 27.36 23.34 25.59
C LEU A 1061 27.26 21.89 25.12
N VAL A 1062 28.37 21.33 24.63
CA VAL A 1062 28.31 19.98 24.09
C VAL A 1062 28.08 18.96 25.21
N VAL A 1063 28.71 19.17 26.37
CA VAL A 1063 28.54 18.20 27.45
C VAL A 1063 27.13 18.33 28.04
N ASN A 1064 26.56 19.53 28.03
CA ASN A 1064 25.17 19.69 28.45
C ASN A 1064 24.23 18.96 27.52
N GLU A 1065 24.49 19.02 26.21
CA GLU A 1065 23.69 18.26 25.27
C GLU A 1065 23.82 16.76 25.52
N LEU A 1066 25.06 16.28 25.67
CA LEU A 1066 25.31 14.85 25.87
C LEU A 1066 24.83 14.36 27.22
N ILE A 1067 24.54 15.24 28.15
CA ILE A 1067 23.92 14.82 29.40
C ILE A 1067 22.39 14.86 29.31
N MET A 1068 21.83 15.92 28.72
CA MET A 1068 20.37 16.01 28.64
C MET A 1068 19.79 14.94 27.74
N VAL A 1069 20.57 14.46 26.75
CA VAL A 1069 20.09 13.31 25.98
C VAL A 1069 19.97 12.09 26.89
N ALA A 1070 20.84 11.99 27.89
CA ALA A 1070 20.74 10.90 28.86
C ALA A 1070 19.60 11.12 29.85
N LEU A 1071 19.23 12.37 30.11
CA LEU A 1071 18.05 12.61 30.95
C LEU A 1071 16.78 12.07 30.31
N GLU A 1072 16.61 12.26 29.00
CA GLU A 1072 15.39 11.81 28.32
C GLU A 1072 15.54 10.38 27.82
N ILE A 1073 15.89 9.49 28.75
CA ILE A 1073 16.07 8.08 28.46
C ILE A 1073 15.08 7.28 29.31
N TYR A 1074 14.33 6.40 28.67
CA TYR A 1074 13.36 5.56 29.36
C TYR A 1074 13.93 4.20 29.73
N THR A 1075 14.60 3.53 28.80
CA THR A 1075 15.23 2.25 29.03
C THR A 1075 16.70 2.31 28.68
N TRP A 1076 17.52 1.59 29.45
CA TRP A 1076 18.97 1.57 29.27
C TRP A 1076 19.36 0.30 28.52
N ASN A 1077 19.40 0.39 27.19
CA ASN A 1077 19.82 -0.74 26.38
C ASN A 1077 21.34 -0.84 26.33
N LYS A 1078 21.83 -2.08 26.17
CA LYS A 1078 23.27 -2.31 26.11
C LYS A 1078 23.92 -1.71 24.86
N THR A 1079 23.16 -1.47 23.80
CA THR A 1079 23.70 -0.89 22.59
C THR A 1079 23.60 0.63 22.55
N MET A 1080 22.89 1.24 23.51
CA MET A 1080 22.66 2.67 23.48
C MET A 1080 23.64 3.45 24.36
N LEU A 1081 23.98 2.92 25.53
CA LEU A 1081 24.83 3.59 26.52
C LEU A 1081 26.24 3.81 26.04
N VAL A 1082 26.72 3.14 25.00
CA VAL A 1082 28.07 3.31 24.49
C VAL A 1082 28.16 4.50 23.54
N THR A 1083 27.05 4.85 22.90
CA THR A 1083 27.07 5.87 21.85
C THR A 1083 27.51 7.24 22.37
N GLU A 1084 27.01 7.64 23.54
CA GLU A 1084 27.38 8.95 24.06
C GLU A 1084 28.79 8.97 24.64
N ILE A 1085 29.26 7.82 25.15
CA ILE A 1085 30.63 7.75 25.66
C ILE A 1085 31.62 7.87 24.51
N ALA A 1086 31.29 7.29 23.36
CA ALA A 1086 32.15 7.40 22.19
C ALA A 1086 32.29 8.86 21.75
N THR A 1087 31.17 9.59 21.70
CA THR A 1087 31.22 11.00 21.35
C THR A 1087 31.95 11.82 22.41
N LEU A 1088 31.80 11.45 23.69
CA LEU A 1088 32.48 12.16 24.76
C LEU A 1088 34.00 12.03 24.63
N LEU A 1089 34.47 10.79 24.44
CA LEU A 1089 35.91 10.59 24.28
C LEU A 1089 36.41 11.17 22.96
N PHE A 1090 35.57 11.18 21.93
CA PHE A 1090 35.95 11.79 20.66
C PHE A 1090 36.13 13.30 20.83
N TYR A 1091 35.25 13.93 21.60
CA TYR A 1091 35.44 15.34 21.95
C TYR A 1091 36.72 15.54 22.76
N ILE A 1092 36.97 14.66 23.73
CA ILE A 1092 38.15 14.84 24.59
C ILE A 1092 39.43 14.75 23.79
N VAL A 1093 39.53 13.76 22.88
CA VAL A 1093 40.73 13.62 22.07
C VAL A 1093 40.75 14.53 20.85
N SER A 1094 39.63 15.16 20.50
CA SER A 1094 39.61 16.04 19.34
C SER A 1094 40.18 17.42 19.65
N VAL A 1095 40.30 17.77 20.92
CA VAL A 1095 40.82 19.08 21.33
C VAL A 1095 42.31 19.20 21.04
N PRO A 1096 43.20 18.35 21.59
CA PRO A 1096 44.63 18.67 21.51
C PRO A 1096 45.24 18.49 20.14
N PHE A 1097 44.68 17.63 19.29
CA PHE A 1097 45.35 17.39 18.02
C PHE A 1097 44.46 17.55 16.80
N LEU A 1098 43.18 17.17 16.89
CA LEU A 1098 42.32 17.18 15.71
C LEU A 1098 42.02 18.60 15.26
N GLY A 1099 41.38 19.38 16.13
CA GLY A 1099 41.11 20.77 15.79
C GLY A 1099 42.34 21.64 15.96
N ASP A 1100 42.81 21.77 17.21
CA ASP A 1100 44.11 22.28 17.64
C ASP A 1100 44.52 23.63 17.03
N TYR A 1101 43.58 24.35 16.42
CA TYR A 1101 43.84 25.69 15.95
C TYR A 1101 42.96 26.72 16.63
N PHE A 1102 41.65 26.50 16.61
CA PHE A 1102 40.74 27.34 17.38
C PHE A 1102 40.87 27.02 18.86
N ASP A 1103 40.47 27.99 19.69
CA ASP A 1103 40.35 27.92 21.14
C ASP A 1103 41.47 27.15 21.84
N LEU A 1104 42.69 27.30 21.36
CA LEU A 1104 43.83 26.61 21.96
C LEU A 1104 44.18 27.24 23.30
N GLY A 1105 44.57 26.39 24.24
CA GLY A 1105 44.94 26.89 25.56
C GLY A 1105 45.12 25.74 26.52
N TYR A 1106 45.15 26.10 27.81
CA TYR A 1106 45.38 25.15 28.88
C TYR A 1106 44.08 24.45 29.28
N MET A 1107 43.14 25.22 29.85
CA MET A 1107 41.79 24.80 30.23
C MET A 1107 41.74 23.70 31.30
N THR A 1108 42.88 23.18 31.72
CA THR A 1108 42.89 22.11 32.72
C THR A 1108 43.16 22.65 34.12
N THR A 1109 42.37 23.65 34.52
CA THR A 1109 42.53 24.25 35.83
C THR A 1109 41.66 23.51 36.84
N VAL A 1110 42.11 23.48 38.10
CA VAL A 1110 41.32 22.86 39.16
C VAL A 1110 39.99 23.57 39.32
N ASN A 1111 40.01 24.91 39.31
CA ASN A 1111 38.78 25.68 39.39
C ASN A 1111 37.95 25.59 38.12
N TYR A 1112 38.58 25.26 36.98
CA TYR A 1112 37.84 25.11 35.73
C TYR A 1112 36.81 23.98 35.85
N TYR A 1113 37.24 22.82 36.36
CA TYR A 1113 36.33 21.69 36.50
C TYR A 1113 35.23 21.97 37.51
N ALA A 1114 35.57 22.64 38.61
CA ALA A 1114 34.57 22.97 39.62
C ALA A 1114 33.51 23.93 39.05
N GLY A 1115 33.96 24.97 38.36
CA GLY A 1115 33.02 25.89 37.75
C GLY A 1115 32.16 25.24 36.69
N LEU A 1116 32.77 24.37 35.87
CA LEU A 1116 32.01 23.67 34.84
C LEU A 1116 30.96 22.76 35.46
N LEU A 1117 31.34 22.02 36.52
CA LEU A 1117 30.40 21.10 37.14
C LEU A 1117 29.24 21.85 37.80
N VAL A 1118 29.55 22.98 38.47
CA VAL A 1118 28.47 23.70 39.14
C VAL A 1118 27.55 24.35 38.12
N ILE A 1119 28.09 24.89 37.01
CA ILE A 1119 27.21 25.53 36.04
C ILE A 1119 26.34 24.50 35.33
N LEU A 1120 26.90 23.32 35.02
CA LEU A 1120 26.10 22.28 34.40
C LEU A 1120 25.04 21.74 35.38
N LEU A 1121 25.40 21.63 36.66
CA LEU A 1121 24.43 21.20 37.65
C LEU A 1121 23.28 22.19 37.77
N ILE A 1122 23.61 23.48 37.77
CA ILE A 1122 22.59 24.52 37.81
C ILE A 1122 21.67 24.42 36.60
N SER A 1123 22.26 24.19 35.42
CA SER A 1123 21.46 24.16 34.20
C SER A 1123 20.60 22.90 34.07
N ILE A 1124 21.06 21.76 34.58
CA ILE A 1124 20.33 20.50 34.38
C ILE A 1124 19.47 20.12 35.59
N PHE A 1125 19.65 20.76 36.74
CA PHE A 1125 18.80 20.46 37.89
C PHE A 1125 17.32 20.73 37.68
N PRO A 1126 16.86 21.91 37.20
CA PRO A 1126 15.41 22.14 37.18
C PRO A 1126 14.66 21.25 36.20
N VAL A 1127 15.25 20.92 35.06
CA VAL A 1127 14.57 20.02 34.13
C VAL A 1127 14.48 18.61 34.69
N TRP A 1128 15.53 18.16 35.39
CA TRP A 1128 15.49 16.83 36.00
C TRP A 1128 14.44 16.76 37.10
N THR A 1129 14.38 17.81 37.93
CA THR A 1129 13.35 17.87 38.97
C THR A 1129 11.95 17.94 38.36
N ALA A 1130 11.80 18.70 37.27
CA ALA A 1130 10.51 18.81 36.61
C ALA A 1130 10.06 17.46 36.06
N LYS A 1131 10.99 16.72 35.45
CA LYS A 1131 10.65 15.39 34.95
C LYS A 1131 10.31 14.44 36.09
N ALA A 1132 11.03 14.53 37.21
CA ALA A 1132 10.73 13.68 38.37
C ALA A 1132 9.34 13.97 38.93
N ILE A 1133 9.00 15.25 39.07
CA ILE A 1133 7.69 15.62 39.58
C ILE A 1133 6.58 15.24 38.59
N TYR A 1134 6.85 15.38 37.29
CA TYR A 1134 5.86 14.97 36.30
C TYR A 1134 5.64 13.46 36.32
N ARG A 1135 6.72 12.69 36.52
CA ARG A 1135 6.57 11.24 36.66
C ARG A 1135 5.79 10.90 37.92
N ARG A 1136 6.03 11.63 39.01
CA ARG A 1136 5.21 11.50 40.20
C ARG A 1136 3.77 11.95 39.99
N LEU A 1137 3.51 12.76 38.97
CA LEU A 1137 2.20 13.32 38.71
C LEU A 1137 1.36 12.44 37.78
N HIS A 1138 1.97 11.90 36.72
CA HIS A 1138 1.27 11.08 35.73
C HIS A 1138 2.01 9.76 35.61
N PRO A 1139 1.81 8.85 36.57
CA PRO A 1139 2.54 7.57 36.55
C PRO A 1139 1.92 6.62 35.55
N PRO A 1140 2.70 6.15 34.57
CA PRO A 1140 2.19 5.16 33.63
C PRO A 1140 2.43 3.74 34.15
N SER A 1141 1.65 2.81 33.59
CA SER A 1141 1.75 1.42 33.98
C SER A 1141 1.24 0.52 32.86
PG ACP B . -18.01 -11.27 -1.51
O1G ACP B . -18.86 -10.06 -1.54
O2G ACP B . -18.82 -12.48 -0.85
O3G ACP B . -16.68 -10.98 -0.64
PB ACP B . -16.85 -10.25 -4.04
O1B ACP B . -15.39 -10.17 -3.77
O2B ACP B . -17.57 -8.92 -3.49
C3B ACP B . -17.53 -11.71 -3.20
PA ACP B . -18.35 -9.65 -6.31
O1A ACP B . -18.35 -10.00 -7.79
O2A ACP B . -18.35 -8.20 -5.89
O3A ACP B . -17.09 -10.38 -5.62
O5' ACP B . -19.60 -10.39 -5.63
C5' ACP B . -20.65 -9.62 -5.03
C4' ACP B . -21.72 -10.55 -4.50
O4' ACP B . -22.04 -11.54 -5.47
C3' ACP B . -21.25 -11.28 -3.24
O3' ACP B . -22.07 -10.88 -2.13
C2' ACP B . -21.34 -12.76 -3.56
O2' ACP B . -22.22 -13.47 -2.66
C1' ACP B . -21.86 -12.87 -4.97
N9 ACP B . -20.86 -13.59 -5.81
C8 ACP B . -19.81 -14.29 -5.37
N7 ACP B . -19.10 -14.83 -6.39
C5 ACP B . -19.71 -14.47 -7.53
C6 ACP B . -19.50 -14.70 -8.98
N6 ACP B . -18.45 -15.44 -9.42
N1 ACP B . -20.38 -14.15 -9.84
C2 ACP B . -21.42 -13.42 -9.43
N3 ACP B . -21.68 -13.17 -8.12
C4 ACP B . -20.88 -13.65 -7.15
MG MG C . -10.40 -5.99 -3.65
#